data_9CG4
#
_entry.id   9CG4
#
_cell.length_a   1.00
_cell.length_b   1.00
_cell.length_c   1.00
_cell.angle_alpha   90.00
_cell.angle_beta   90.00
_cell.angle_gamma   90.00
#
_symmetry.space_group_name_H-M   'P 1'
#
loop_
_entity.id
_entity.type
_entity.pdbx_description
1 polymer 'Proliferating cell nuclear antigen'
2 polymer 'Fanconi-associated nuclease 1'
3 polymer "DNA (5'-D(P*CP*GP*AP*AP*TP*TP*TP*CP*TP*AP*GP*AP*CP*TP*CP*GP*AP*GP*AP*TP*CP*AP*G)-3')"
4 polymer "DNA (5'-D(P*AP*TP*CP*TP*CP*GP*AP*GP*TP*CP*TP*AP*GP*AP*AP*AP*TP*TP*CP*G)-3')"
#
loop_
_entity_poly.entity_id
_entity_poly.type
_entity_poly.pdbx_seq_one_letter_code
_entity_poly.pdbx_strand_id
1 'polypeptide(L)'
;MFEARLVQGSILKKVLEALKDLINEACWDISSSGVNLQSMDSSHVSLVQLTLRSEGFDTYRCDRNLAMGVNLTSMSKILK
CAGNEDIITLRAEDNADTLALVFEAPNQEKVSDYEMKLMDLDVEQLGIPEQEYSCVVKMPSGEFARICRDLSHIGDAVVI
SCAKDGVKFSASGELGNGNIKLSQTSNVDKEEEAVTIEMNEPVQLTFALRYLNFFTKATPLSSTVTLSMSADVPLVVEYK
IADMGHLKYYLAPKIEDEEGS
;
B,C,D
2 'polypeptide(L)'
;HPYYLRSFLVVLKTVLENEDDMLLFDEQEKGIVTKFYQLSATGQKLYVRLFQRKLSWIKMTKLEYEEIALDLTPVIEELT
NAGFLQTESELQELSEVLELLSAPELKSLAKTFHLVNPNGQKQQLVDAFLKLAKQRSVCTWGKNKPGIGAVILKRAKALA
GQSVRICKGPRAVFSRILLLFSL
;
E
3 'polydeoxyribonucleotide'
;(DC)(DG)(DA)(DA)(DT)(DT)(DT)(DC)(DT)(DA)(DG)(DA)(DC)(DT)(DC)(DG)(DA)(DG)(DA)(DT)
(DC)(DA)(DG)
;
A
4 'polydeoxyribonucleotide' (DA)(DT)(DC)(DT)(DC)(DG)(DA)(DG)(DT)(DC)(DT)(DA)(DG)(DA)(DA)(DA)(DT)(DT)(DC)(DG) F
#
# COMPACT_ATOMS: atom_id res chain seq x y z
N MET A 1 12.41 -43.26 -2.72
CA MET A 1 11.53 -42.16 -2.38
C MET A 1 12.13 -41.38 -1.22
N PHE A 2 12.03 -40.05 -1.29
CA PHE A 2 12.68 -39.15 -0.36
C PHE A 2 11.64 -38.52 0.57
N GLU A 3 11.88 -38.61 1.87
CA GLU A 3 10.99 -38.05 2.88
C GLU A 3 11.82 -37.47 4.01
N ALA A 4 11.60 -36.20 4.32
CA ALA A 4 12.29 -35.51 5.40
C ALA A 4 11.28 -34.85 6.30
N ARG A 5 11.44 -35.04 7.61
CA ARG A 5 10.51 -34.50 8.61
C ARG A 5 11.29 -33.56 9.52
N LEU A 6 11.07 -32.27 9.37
CA LEU A 6 11.77 -31.24 10.14
C LEU A 6 10.80 -30.63 11.13
N VAL A 7 11.16 -30.68 12.41
CA VAL A 7 10.27 -30.18 13.45
C VAL A 7 10.17 -28.66 13.41
N GLN A 8 11.30 -27.98 13.19
CA GLN A 8 11.34 -26.52 13.24
C GLN A 8 11.12 -25.97 11.84
N GLY A 9 9.90 -25.50 11.56
CA GLY A 9 9.62 -24.89 10.28
C GLY A 9 10.20 -23.50 10.13
N SER A 10 10.49 -22.83 11.24
CA SER A 10 11.04 -21.49 11.18
C SER A 10 12.39 -21.48 10.48
N ILE A 11 13.19 -22.54 10.65
CA ILE A 11 14.50 -22.60 10.01
C ILE A 11 14.35 -22.60 8.49
N LEU A 12 13.46 -23.45 7.98
CA LEU A 12 13.24 -23.50 6.54
C LEU A 12 12.64 -22.19 6.03
N LYS A 13 11.72 -21.60 6.79
CA LYS A 13 11.15 -20.32 6.39
C LYS A 13 12.24 -19.26 6.25
N LYS A 14 13.13 -19.18 7.24
CA LYS A 14 14.20 -18.19 7.20
C LYS A 14 15.17 -18.45 6.07
N VAL A 15 15.52 -19.73 5.84
CA VAL A 15 16.44 -20.07 4.76
C VAL A 15 15.84 -19.66 3.42
N LEU A 16 14.58 -20.00 3.18
CA LEU A 16 13.95 -19.68 1.90
C LEU A 16 13.79 -18.18 1.74
N GLU A 17 13.50 -17.45 2.82
CA GLU A 17 13.45 -16.00 2.75
C GLU A 17 14.81 -15.42 2.39
N ALA A 18 15.88 -15.99 2.96
CA ALA A 18 17.22 -15.49 2.66
C ALA A 18 17.60 -15.74 1.20
N LEU A 19 17.22 -16.89 0.65
CA LEU A 19 17.62 -17.26 -0.71
C LEU A 19 16.64 -16.77 -1.77
N LYS A 20 15.52 -16.17 -1.40
CA LYS A 20 14.49 -15.84 -2.39
C LYS A 20 14.86 -14.65 -3.27
N ASP A 21 15.66 -13.71 -2.75
CA ASP A 21 15.98 -12.49 -3.47
C ASP A 21 17.33 -12.56 -4.18
N LEU A 22 17.99 -13.71 -4.16
CA LEU A 22 19.29 -13.86 -4.79
C LEU A 22 19.36 -14.99 -5.81
N ILE A 23 18.59 -16.05 -5.63
CA ILE A 23 18.60 -17.21 -6.52
C ILE A 23 17.16 -17.52 -6.90
N ASN A 24 16.93 -17.77 -8.19
CA ASN A 24 15.60 -18.11 -8.68
C ASN A 24 15.44 -19.59 -8.99
N GLU A 25 16.49 -20.25 -9.47
CA GLU A 25 16.47 -21.70 -9.69
C GLU A 25 17.69 -22.31 -9.03
N ALA A 26 17.49 -23.42 -8.33
CA ALA A 26 18.57 -24.11 -7.64
C ALA A 26 18.47 -25.61 -7.90
N CYS A 27 19.60 -26.28 -7.79
CA CYS A 27 19.69 -27.72 -7.99
C CYS A 27 19.86 -28.38 -6.62
N TRP A 28 18.73 -28.77 -6.03
CA TRP A 28 18.74 -29.40 -4.72
C TRP A 28 19.34 -30.78 -4.82
N ASP A 29 20.62 -30.92 -4.46
CA ASP A 29 21.29 -32.20 -4.46
C ASP A 29 21.01 -32.90 -3.13
N ILE A 30 20.27 -34.01 -3.20
CA ILE A 30 19.88 -34.77 -2.02
C ILE A 30 20.63 -36.10 -2.05
N SER A 31 21.33 -36.40 -0.96
CA SER A 31 22.04 -37.67 -0.82
C SER A 31 21.76 -38.21 0.57
N SER A 32 22.43 -39.32 0.91
CA SER A 32 22.27 -39.89 2.25
C SER A 32 22.89 -38.99 3.31
N SER A 33 23.89 -38.18 2.93
CA SER A 33 24.49 -37.26 3.88
C SER A 33 23.50 -36.20 4.34
N GLY A 34 22.72 -35.67 3.42
CA GLY A 34 21.74 -34.66 3.76
C GLY A 34 21.49 -33.73 2.58
N VAL A 35 20.53 -32.83 2.78
CA VAL A 35 20.18 -31.88 1.74
C VAL A 35 21.37 -30.96 1.48
N ASN A 36 21.64 -30.72 0.19
CA ASN A 36 22.75 -29.86 -0.21
C ASN A 36 22.27 -28.95 -1.33
N LEU A 37 22.93 -27.79 -1.44
CA LEU A 37 22.60 -26.82 -2.47
C LEU A 37 23.88 -26.10 -2.88
N GLN A 38 23.99 -25.77 -4.16
CA GLN A 38 25.09 -24.96 -4.65
C GLN A 38 24.66 -24.36 -5.98
N SER A 39 24.44 -23.04 -6.00
CA SER A 39 23.97 -22.39 -7.22
C SER A 39 24.39 -20.94 -7.20
N MET A 40 25.38 -20.61 -8.03
CA MET A 40 25.84 -19.24 -8.15
C MET A 40 24.73 -18.36 -8.72
N ASP A 41 24.72 -17.09 -8.32
CA ASP A 41 23.56 -16.24 -8.49
C ASP A 41 23.27 -15.98 -9.97
N SER A 42 22.07 -15.44 -10.20
CA SER A 42 21.63 -15.17 -11.57
C SER A 42 22.48 -14.08 -12.23
N SER A 43 22.91 -13.08 -11.45
CA SER A 43 23.79 -12.06 -11.98
C SER A 43 25.20 -12.60 -12.26
N HIS A 44 25.50 -13.82 -11.84
CA HIS A 44 26.78 -14.47 -12.08
C HIS A 44 27.93 -13.68 -11.47
N VAL A 45 27.75 -13.24 -10.22
CA VAL A 45 28.78 -12.57 -9.45
C VAL A 45 29.03 -13.28 -8.11
N SER A 46 27.96 -13.64 -7.41
CA SER A 46 28.05 -14.22 -6.08
C SER A 46 27.67 -15.69 -6.11
N LEU A 47 28.34 -16.48 -5.27
CA LEU A 47 28.10 -17.91 -5.15
C LEU A 47 27.49 -18.21 -3.79
N VAL A 48 26.54 -19.14 -3.77
CA VAL A 48 25.81 -19.50 -2.55
C VAL A 48 25.92 -21.02 -2.36
N GLN A 49 26.19 -21.43 -1.14
CA GLN A 49 26.24 -22.85 -0.78
C GLN A 49 25.37 -23.07 0.45
N LEU A 50 24.88 -24.30 0.60
CA LEU A 50 24.01 -24.65 1.70
C LEU A 50 24.21 -26.11 2.04
N THR A 51 24.16 -26.44 3.32
CA THR A 51 24.29 -27.82 3.77
C THR A 51 23.33 -28.06 4.93
N LEU A 52 22.71 -29.24 4.94
CA LEU A 52 21.81 -29.65 6.03
C LEU A 52 22.09 -31.12 6.30
N ARG A 53 22.84 -31.40 7.36
CA ARG A 53 23.21 -32.76 7.69
C ARG A 53 21.97 -33.58 8.06
N SER A 54 22.06 -34.89 7.80
CA SER A 54 20.92 -35.76 8.06
C SER A 54 20.59 -35.86 9.55
N GLU A 55 21.57 -35.64 10.42
CA GLU A 55 21.32 -35.74 11.85
C GLU A 55 20.37 -34.66 12.33
N GLY A 56 20.32 -33.52 11.64
CA GLY A 56 19.42 -32.46 12.06
C GLY A 56 17.96 -32.80 11.90
N PHE A 57 17.60 -33.42 10.79
CA PHE A 57 16.22 -33.81 10.56
C PHE A 57 15.78 -34.87 11.56
N ASP A 58 14.57 -34.71 12.09
CA ASP A 58 14.06 -35.68 13.05
C ASP A 58 13.89 -37.05 12.40
N THR A 59 13.38 -37.09 11.18
CA THR A 59 13.20 -38.34 10.44
C THR A 59 13.70 -38.13 9.02
N TYR A 60 14.64 -38.97 8.60
CA TYR A 60 15.27 -38.85 7.29
C TYR A 60 15.35 -40.22 6.64
N ARG A 61 15.12 -40.26 5.33
CA ARG A 61 15.29 -41.49 4.56
C ARG A 61 15.42 -41.13 3.09
N CYS A 62 16.37 -41.78 2.42
CA CYS A 62 16.60 -41.55 1.00
C CYS A 62 17.37 -42.73 0.43
N ASP A 63 16.89 -43.27 -0.69
CA ASP A 63 17.48 -44.45 -1.30
C ASP A 63 18.49 -44.10 -2.39
N ARG A 64 18.12 -43.22 -3.31
CA ARG A 64 18.96 -42.85 -4.44
C ARG A 64 19.13 -41.34 -4.47
N ASN A 65 20.33 -40.89 -4.83
CA ASN A 65 20.58 -39.46 -4.94
C ASN A 65 19.71 -38.85 -6.04
N LEU A 66 19.18 -37.67 -5.76
CA LEU A 66 18.25 -36.99 -6.65
C LEU A 66 18.84 -35.65 -7.10
N ALA A 67 18.06 -34.92 -7.88
CA ALA A 67 18.43 -33.58 -8.30
C ALA A 67 17.15 -32.86 -8.71
N MET A 68 16.74 -31.87 -7.92
CA MET A 68 15.48 -31.18 -8.13
C MET A 68 15.74 -29.73 -8.54
N GLY A 69 15.16 -29.34 -9.67
CA GLY A 69 15.15 -27.95 -10.06
C GLY A 69 13.86 -27.29 -9.62
N VAL A 70 13.93 -26.48 -8.57
CA VAL A 70 12.75 -25.89 -7.95
C VAL A 70 12.82 -24.38 -8.09
N ASN A 71 11.70 -23.77 -8.51
CA ASN A 71 11.62 -22.32 -8.55
C ASN A 71 11.64 -21.77 -7.13
N LEU A 72 12.66 -20.98 -6.81
CA LEU A 72 12.82 -20.51 -5.44
C LEU A 72 11.75 -19.49 -5.05
N THR A 73 11.30 -18.68 -6.02
CA THR A 73 10.25 -17.70 -5.71
C THR A 73 8.95 -18.39 -5.32
N SER A 74 8.56 -19.43 -6.06
CA SER A 74 7.35 -20.16 -5.73
C SER A 74 7.48 -20.86 -4.38
N MET A 75 8.66 -21.43 -4.10
CA MET A 75 8.87 -22.08 -2.81
C MET A 75 8.80 -21.08 -1.67
N SER A 76 9.35 -19.88 -1.87
CA SER A 76 9.25 -18.85 -0.85
C SER A 76 7.80 -18.45 -0.62
N LYS A 77 7.03 -18.29 -1.70
CA LYS A 77 5.63 -17.94 -1.55
C LYS A 77 4.86 -19.03 -0.81
N ILE A 78 5.14 -20.29 -1.12
CA ILE A 78 4.48 -21.39 -0.42
C ILE A 78 4.86 -21.41 1.05
N LEU A 79 6.14 -21.25 1.36
CA LEU A 79 6.59 -21.30 2.75
C LEU A 79 6.06 -20.13 3.56
N LYS A 80 5.84 -18.98 2.91
CA LYS A 80 5.28 -17.84 3.61
C LYS A 80 3.89 -18.16 4.16
N CYS A 81 3.15 -19.04 3.47
CA CYS A 81 1.83 -19.43 3.95
C CYS A 81 1.91 -20.22 5.26
N ALA A 82 2.98 -20.98 5.46
CA ALA A 82 3.12 -21.79 6.66
C ALA A 82 3.31 -20.91 7.89
N GLY A 83 2.90 -21.43 9.04
CA GLY A 83 3.03 -20.73 10.29
C GLY A 83 4.44 -20.83 10.85
N ASN A 84 4.60 -20.34 12.08
CA ASN A 84 5.90 -20.24 12.72
C ASN A 84 6.25 -21.44 13.58
N GLU A 85 5.36 -22.43 13.70
CA GLU A 85 5.64 -23.57 14.56
C GLU A 85 5.19 -24.90 13.95
N ASP A 86 4.98 -24.96 12.64
CA ASP A 86 4.52 -26.18 12.00
C ASP A 86 5.67 -27.17 11.85
N ILE A 87 5.34 -28.36 11.37
CA ILE A 87 6.30 -29.44 11.20
C ILE A 87 6.36 -29.75 9.71
N ILE A 88 7.34 -29.15 9.02
CA ILE A 88 7.47 -29.35 7.59
C ILE A 88 7.87 -30.79 7.30
N THR A 89 7.26 -31.38 6.27
CA THR A 89 7.42 -32.79 5.95
C THR A 89 7.64 -32.98 4.45
N LEU A 90 8.61 -32.27 3.89
CA LEU A 90 8.97 -32.41 2.47
C LEU A 90 9.02 -33.86 2.06
N ARG A 91 8.51 -34.15 0.87
CA ARG A 91 8.44 -35.52 0.38
C ARG A 91 8.37 -35.52 -1.13
N ALA A 92 9.23 -36.31 -1.76
CA ALA A 92 9.17 -36.59 -3.18
C ALA A 92 9.13 -38.09 -3.37
N GLU A 93 8.36 -38.55 -4.35
CA GLU A 93 8.09 -39.98 -4.51
C GLU A 93 8.53 -40.45 -5.90
N ASP A 94 9.36 -41.49 -5.92
CA ASP A 94 9.75 -42.24 -7.13
C ASP A 94 10.32 -41.24 -8.14
N ASN A 95 9.80 -41.17 -9.36
CA ASN A 95 10.32 -40.32 -10.42
C ASN A 95 9.26 -39.34 -10.92
N ALA A 96 8.47 -38.79 -10.00
CA ALA A 96 7.49 -37.77 -10.35
C ALA A 96 8.20 -36.43 -10.48
N ASP A 97 7.43 -35.37 -10.71
CA ASP A 97 7.96 -34.02 -10.83
C ASP A 97 7.24 -33.09 -9.86
N THR A 98 6.89 -33.60 -8.69
CA THR A 98 6.11 -32.86 -7.71
C THR A 98 6.81 -32.89 -6.36
N LEU A 99 6.94 -31.73 -5.74
CA LEU A 99 7.43 -31.60 -4.38
C LEU A 99 6.22 -31.45 -3.45
N ALA A 100 6.11 -32.35 -2.48
CA ALA A 100 4.93 -32.41 -1.60
C ALA A 100 5.32 -31.89 -0.23
N LEU A 101 4.99 -30.63 0.02
CA LEU A 101 5.16 -30.05 1.35
C LEU A 101 3.91 -30.29 2.19
N VAL A 102 4.12 -30.68 3.44
CA VAL A 102 3.02 -30.94 4.37
C VAL A 102 3.30 -30.18 5.65
N PHE A 103 2.37 -29.32 6.06
CA PHE A 103 2.48 -28.57 7.30
C PHE A 103 1.44 -29.10 8.28
N GLU A 104 1.88 -29.43 9.49
CA GLU A 104 1.00 -29.93 10.53
C GLU A 104 1.04 -28.98 11.72
N ALA A 105 -0.12 -28.49 12.13
CA ALA A 105 -0.18 -27.65 13.31
C ALA A 105 0.12 -28.47 14.56
N PRO A 106 0.76 -27.86 15.56
CA PRO A 106 1.10 -28.61 16.78
C PRO A 106 -0.10 -29.18 17.51
N ASN A 107 -1.26 -28.52 17.45
CA ASN A 107 -2.45 -28.99 18.14
C ASN A 107 -3.23 -30.04 17.35
N GLN A 108 -2.61 -30.64 16.34
CA GLN A 108 -3.25 -31.56 15.39
C GLN A 108 -4.70 -31.17 15.11
N GLU A 109 -4.91 -29.95 14.61
CA GLU A 109 -6.24 -29.50 14.22
C GLU A 109 -6.29 -28.91 12.83
N LYS A 110 -5.17 -28.76 12.15
CA LYS A 110 -5.15 -28.16 10.82
C LYS A 110 -3.94 -28.68 10.07
N VAL A 111 -4.17 -29.52 9.07
CA VAL A 111 -3.12 -30.14 8.28
C VAL A 111 -3.17 -29.55 6.88
N SER A 112 -2.08 -28.92 6.46
CA SER A 112 -1.98 -28.30 5.15
C SER A 112 -1.09 -29.16 4.26
N ASP A 113 -1.57 -29.47 3.06
CA ASP A 113 -0.83 -30.26 2.10
C ASP A 113 -0.70 -29.47 0.81
N TYR A 114 0.53 -29.27 0.36
CA TYR A 114 0.81 -28.54 -0.88
C TYR A 114 1.62 -29.42 -1.81
N GLU A 115 1.51 -29.14 -3.10
CA GLU A 115 2.23 -29.90 -4.12
C GLU A 115 2.80 -28.95 -5.15
N MET A 116 4.06 -29.18 -5.52
CA MET A 116 4.78 -28.34 -6.46
C MET A 116 4.90 -29.03 -7.82
N LYS A 117 5.60 -28.35 -8.73
CA LYS A 117 5.90 -28.89 -10.06
C LYS A 117 7.39 -28.69 -10.31
N LEU A 118 8.13 -29.79 -10.41
CA LEU A 118 9.56 -29.72 -10.62
C LEU A 118 9.88 -29.25 -12.03
N MET A 119 11.11 -28.79 -12.22
CA MET A 119 11.62 -28.43 -13.53
C MET A 119 13.04 -28.95 -13.67
N ASP A 120 13.48 -29.09 -14.91
CA ASP A 120 14.79 -29.65 -15.20
C ASP A 120 15.83 -28.53 -15.30
N LEU A 121 16.86 -28.62 -14.48
CA LEU A 121 17.96 -27.66 -14.48
C LEU A 121 19.27 -28.40 -14.75
N ASP A 122 20.14 -27.79 -15.54
CA ASP A 122 21.45 -28.38 -15.82
C ASP A 122 22.29 -28.41 -14.56
N VAL A 123 22.91 -29.56 -14.30
CA VAL A 123 23.72 -29.76 -13.11
C VAL A 123 25.10 -29.19 -13.39
N GLU A 124 25.32 -27.94 -12.99
CA GLU A 124 26.61 -27.27 -13.14
C GLU A 124 27.33 -27.29 -11.79
N GLN A 125 28.52 -27.87 -11.77
CA GLN A 125 29.32 -27.98 -10.55
C GLN A 125 30.49 -27.02 -10.64
N LEU A 126 30.67 -26.21 -9.60
CA LEU A 126 31.77 -25.27 -9.50
C LEU A 126 32.69 -25.70 -8.38
N GLY A 127 33.98 -25.82 -8.69
CA GLY A 127 34.94 -26.30 -7.71
C GLY A 127 35.09 -25.33 -6.54
N ILE A 128 35.16 -25.88 -5.34
CA ILE A 128 35.34 -25.09 -4.13
C ILE A 128 36.61 -25.57 -3.43
N PRO A 129 37.76 -24.94 -3.70
CA PRO A 129 39.01 -25.39 -3.08
C PRO A 129 39.22 -24.80 -1.70
N GLU A 130 39.47 -25.65 -0.71
CA GLU A 130 39.74 -25.17 0.64
C GLU A 130 41.10 -24.48 0.69
N GLN A 131 41.18 -23.40 1.46
CA GLN A 131 42.39 -22.60 1.54
C GLN A 131 42.44 -21.93 2.91
N GLU A 132 43.48 -21.12 3.11
CA GLU A 132 43.71 -20.41 4.36
C GLU A 132 43.51 -18.92 4.15
N TYR A 133 42.80 -18.30 5.09
CA TYR A 133 42.45 -16.89 5.00
C TYR A 133 43.29 -16.05 5.95
N SER A 134 43.29 -14.74 5.71
CA SER A 134 44.10 -13.81 6.50
C SER A 134 43.31 -13.19 7.65
N CYS A 135 42.23 -12.47 7.32
CA CYS A 135 41.39 -11.82 8.34
C CYS A 135 40.16 -12.68 8.56
N VAL A 136 40.03 -13.23 9.76
CA VAL A 136 38.87 -14.00 10.17
C VAL A 136 38.29 -13.33 11.41
N VAL A 137 37.02 -12.95 11.35
CA VAL A 137 36.36 -12.22 12.42
C VAL A 137 35.04 -12.90 12.74
N LYS A 138 34.78 -13.11 14.02
CA LYS A 138 33.49 -13.58 14.51
C LYS A 138 32.85 -12.44 15.28
N MET A 139 31.65 -12.04 14.88
CA MET A 139 31.03 -10.83 15.40
C MET A 139 29.52 -10.94 15.23
N PRO A 140 28.76 -10.24 16.07
CA PRO A 140 27.30 -10.41 16.05
C PRO A 140 26.68 -10.09 14.70
N SER A 141 25.64 -10.85 14.36
CA SER A 141 24.97 -10.65 13.07
C SER A 141 24.26 -9.31 13.01
N GLY A 142 23.61 -8.91 14.10
CA GLY A 142 22.90 -7.64 14.11
C GLY A 142 23.83 -6.47 13.84
N GLU A 143 25.04 -6.52 14.39
CA GLU A 143 26.01 -5.45 14.14
C GLU A 143 26.38 -5.39 12.67
N PHE A 144 26.58 -6.54 12.03
CA PHE A 144 26.91 -6.54 10.61
C PHE A 144 25.76 -5.98 9.78
N ALA A 145 24.53 -6.38 10.09
CA ALA A 145 23.39 -5.86 9.36
C ALA A 145 23.28 -4.36 9.51
N ARG A 146 23.47 -3.86 10.74
CA ARG A 146 23.39 -2.43 10.98
C ARG A 146 24.49 -1.68 10.24
N ILE A 147 25.71 -2.24 10.24
CA ILE A 147 26.82 -1.57 9.56
C ILE A 147 26.55 -1.47 8.07
N CYS A 148 26.11 -2.59 7.46
CA CYS A 148 25.83 -2.56 6.03
C CYS A 148 24.70 -1.60 5.70
N ARG A 149 23.63 -1.63 6.49
CA ARG A 149 22.50 -0.74 6.23
C ARG A 149 22.91 0.72 6.37
N ASP A 150 23.71 1.04 7.38
CA ASP A 150 24.15 2.42 7.58
C ASP A 150 25.05 2.88 6.44
N LEU A 151 25.98 2.02 6.00
CA LEU A 151 26.88 2.43 4.94
C LEU A 151 26.19 2.47 3.58
N SER A 152 25.06 1.78 3.42
CA SER A 152 24.36 1.85 2.13
C SER A 152 23.87 3.25 1.82
N HIS A 153 23.61 4.06 2.86
CA HIS A 153 23.10 5.41 2.63
C HIS A 153 24.18 6.37 2.15
N ILE A 154 25.44 6.15 2.55
CA ILE A 154 26.52 7.06 2.20
C ILE A 154 27.12 6.67 0.86
N GLY A 155 27.69 5.46 0.78
CA GLY A 155 28.35 5.03 -0.43
C GLY A 155 27.86 3.71 -0.97
N ASP A 156 28.66 3.09 -1.85
CA ASP A 156 28.27 1.81 -2.43
C ASP A 156 29.45 0.84 -2.54
N ALA A 157 30.54 1.07 -1.80
CA ALA A 157 31.70 0.18 -1.86
C ALA A 157 32.47 0.33 -0.56
N VAL A 158 32.34 -0.67 0.32
CA VAL A 158 33.06 -0.64 1.58
C VAL A 158 34.52 -0.99 1.35
N VAL A 159 35.36 -0.63 2.31
CA VAL A 159 36.79 -0.94 2.27
C VAL A 159 37.13 -1.55 3.63
N ILE A 160 37.08 -2.88 3.72
CA ILE A 160 37.36 -3.58 4.97
C ILE A 160 38.86 -3.68 5.13
N SER A 161 39.38 -3.12 6.22
CA SER A 161 40.81 -2.93 6.40
C SER A 161 41.23 -3.29 7.82
N CYS A 162 40.90 -4.52 8.25
CA CYS A 162 41.08 -4.98 9.63
C CYS A 162 42.35 -4.41 10.24
N ALA A 163 42.19 -3.69 11.35
CA ALA A 163 43.26 -2.90 11.94
C ALA A 163 43.70 -3.50 13.27
N LYS A 164 44.58 -2.77 13.95
CA LYS A 164 45.14 -3.25 15.21
C LYS A 164 44.05 -3.41 16.28
N ASP A 165 43.17 -2.41 16.40
CA ASP A 165 42.14 -2.45 17.45
C ASP A 165 40.84 -3.09 16.99
N GLY A 166 40.63 -3.25 15.69
CA GLY A 166 39.41 -3.86 15.22
C GLY A 166 39.18 -3.52 13.76
N VAL A 167 37.97 -3.84 13.28
CA VAL A 167 37.63 -3.63 11.89
C VAL A 167 37.46 -2.14 11.61
N LYS A 168 37.50 -1.81 10.32
CA LYS A 168 37.54 -0.42 9.85
C LYS A 168 36.59 -0.23 8.66
N PHE A 169 35.31 -0.56 8.84
CA PHE A 169 34.37 -0.61 7.72
C PHE A 169 34.17 0.81 7.17
N SER A 170 35.16 1.26 6.41
CA SER A 170 35.10 2.58 5.80
C SER A 170 34.31 2.54 4.50
N ALA A 171 34.03 3.73 3.97
CA ALA A 171 33.33 3.88 2.70
C ALA A 171 33.59 5.28 2.18
N SER A 172 32.94 5.63 1.07
CA SER A 172 33.05 6.97 0.51
C SER A 172 31.87 7.21 -0.42
N GLY A 173 31.60 8.48 -0.68
CA GLY A 173 30.49 8.83 -1.54
C GLY A 173 30.41 10.32 -1.73
N GLU A 174 29.39 10.74 -2.49
CA GLU A 174 29.20 12.15 -2.78
C GLU A 174 28.86 12.94 -1.51
N LEU A 175 28.03 12.36 -0.63
CA LEU A 175 27.68 13.03 0.62
C LEU A 175 28.91 13.23 1.50
N GLY A 176 29.76 12.22 1.58
CA GLY A 176 30.94 12.29 2.41
C GLY A 176 31.66 10.95 2.49
N ASN A 177 32.08 10.56 3.69
CA ASN A 177 32.74 9.29 3.90
C ASN A 177 32.65 8.87 5.35
N GLY A 178 32.10 7.69 5.59
CA GLY A 178 31.91 7.18 6.93
C GLY A 178 32.98 6.14 7.26
N ASN A 179 33.61 6.29 8.41
CA ASN A 179 34.66 5.39 8.87
C ASN A 179 34.21 4.77 10.19
N ILE A 180 33.46 3.67 10.08
CA ILE A 180 33.01 2.95 11.26
C ILE A 180 34.13 2.05 11.77
N LYS A 181 34.13 1.80 13.08
CA LYS A 181 35.20 1.03 13.69
C LYS A 181 34.70 0.41 14.99
N LEU A 182 34.64 -0.91 15.03
CA LEU A 182 34.36 -1.63 16.28
C LEU A 182 35.66 -1.94 17.01
N SER A 183 35.56 -2.04 18.33
CA SER A 183 36.70 -2.30 19.20
C SER A 183 36.70 -3.76 19.60
N GLN A 184 37.87 -4.39 19.55
CA GLN A 184 37.99 -5.80 19.89
C GLN A 184 37.64 -6.03 21.34
N THR A 185 36.82 -7.05 21.60
CA THR A 185 36.44 -7.44 22.95
C THR A 185 36.76 -8.91 23.16
N SER A 186 37.29 -9.23 24.32
CA SER A 186 37.61 -10.61 24.66
C SER A 186 37.02 -11.05 25.99
N ASN A 187 36.93 -10.16 26.97
CA ASN A 187 36.44 -10.51 28.31
C ASN A 187 34.93 -10.34 28.36
N VAL A 188 34.25 -11.19 27.61
CA VAL A 188 32.78 -11.24 27.57
C VAL A 188 32.35 -12.64 27.95
N ASP A 189 31.43 -12.74 28.92
CA ASP A 189 30.96 -14.04 29.37
C ASP A 189 30.24 -14.79 28.26
N LYS A 190 29.39 -14.09 27.51
CA LYS A 190 28.65 -14.71 26.42
C LYS A 190 29.44 -14.62 25.12
N GLU A 191 29.12 -15.53 24.20
CA GLU A 191 29.74 -15.54 22.89
C GLU A 191 28.93 -14.76 21.86
N GLU A 192 27.78 -14.21 22.25
CA GLU A 192 26.98 -13.39 21.35
C GLU A 192 27.52 -11.99 21.19
N GLU A 193 28.44 -11.56 22.03
CA GLU A 193 29.01 -10.21 21.95
C GLU A 193 30.49 -10.21 21.59
N ALA A 194 31.07 -11.38 21.31
CA ALA A 194 32.47 -11.45 20.95
C ALA A 194 32.70 -10.90 19.54
N VAL A 195 33.73 -10.08 19.41
CA VAL A 195 34.11 -9.53 18.11
C VAL A 195 35.56 -9.91 17.84
N THR A 196 35.95 -11.09 18.33
CA THR A 196 37.33 -11.55 18.24
C THR A 196 37.80 -11.59 16.79
N ILE A 197 39.01 -11.09 16.57
CA ILE A 197 39.66 -11.06 15.26
C ILE A 197 40.99 -11.79 15.34
N GLU A 198 41.24 -12.68 14.40
CA GLU A 198 42.50 -13.39 14.29
C GLU A 198 43.19 -12.99 12.99
N MET A 199 44.43 -12.54 13.10
CA MET A 199 45.21 -12.08 11.96
C MET A 199 46.49 -12.88 11.80
N ASN A 200 46.86 -13.11 10.54
CA ASN A 200 48.19 -13.56 10.16
C ASN A 200 48.89 -12.55 9.28
N GLU A 201 48.19 -12.01 8.29
CA GLU A 201 48.68 -10.99 7.38
C GLU A 201 47.68 -9.84 7.32
N PRO A 202 48.15 -8.62 7.06
CA PRO A 202 47.23 -7.50 6.87
C PRO A 202 46.45 -7.65 5.58
N VAL A 203 45.25 -7.05 5.56
CA VAL A 203 44.36 -7.15 4.39
C VAL A 203 43.63 -5.83 4.23
N GLN A 204 43.24 -5.54 2.99
CA GLN A 204 42.43 -4.37 2.66
C GLN A 204 41.76 -4.62 1.33
N LEU A 205 40.42 -4.65 1.31
CA LEU A 205 39.70 -5.07 0.12
C LEU A 205 38.59 -4.08 -0.24
N THR A 206 37.76 -4.46 -1.21
CA THR A 206 36.66 -3.61 -1.66
C THR A 206 35.54 -4.51 -2.17
N PHE A 207 34.30 -4.20 -1.78
CA PHE A 207 33.16 -5.02 -2.15
C PHE A 207 31.97 -4.13 -2.50
N ALA A 208 31.03 -4.70 -3.25
CA ALA A 208 29.81 -3.99 -3.61
C ALA A 208 28.81 -4.07 -2.47
N LEU A 209 28.20 -2.92 -2.13
CA LEU A 209 27.33 -2.88 -0.96
C LEU A 209 25.98 -3.53 -1.24
N ARG A 210 25.52 -3.53 -2.48
CA ARG A 210 24.25 -4.18 -2.80
C ARG A 210 24.31 -5.67 -2.49
N TYR A 211 25.41 -6.32 -2.85
CA TYR A 211 25.55 -7.74 -2.58
C TYR A 211 25.64 -8.00 -1.09
N LEU A 212 26.30 -7.12 -0.33
CA LEU A 212 26.35 -7.31 1.12
C LEU A 212 24.97 -7.15 1.75
N ASN A 213 24.17 -6.19 1.26
CA ASN A 213 22.82 -6.04 1.75
C ASN A 213 21.98 -7.27 1.42
N PHE A 214 22.19 -7.85 0.24
CA PHE A 214 21.51 -9.10 -0.09
C PHE A 214 21.95 -10.22 0.84
N PHE A 215 23.25 -10.27 1.16
CA PHE A 215 23.77 -11.33 2.02
C PHE A 215 23.19 -11.25 3.42
N THR A 216 23.08 -10.04 3.96
CA THR A 216 22.64 -9.89 5.35
C THR A 216 21.15 -10.16 5.54
N LYS A 217 20.41 -10.65 4.55
CA LYS A 217 19.02 -11.03 4.78
C LYS A 217 18.90 -12.27 5.64
N ALA A 218 19.99 -13.01 5.84
CA ALA A 218 19.97 -14.23 6.65
C ALA A 218 20.36 -13.97 8.10
N THR A 219 20.11 -12.77 8.60
CA THR A 219 20.42 -12.46 10.00
C THR A 219 19.67 -13.34 10.99
N PRO A 220 18.37 -13.58 10.87
CA PRO A 220 17.67 -14.35 11.91
C PRO A 220 18.17 -15.79 12.07
N LEU A 221 18.92 -16.32 11.10
CA LEU A 221 19.34 -17.71 11.18
C LEU A 221 20.23 -17.96 12.40
N SER A 222 21.17 -17.05 12.67
CA SER A 222 22.07 -17.21 13.80
C SER A 222 22.43 -15.82 14.33
N SER A 223 23.48 -15.77 15.15
CA SER A 223 23.90 -14.49 15.72
C SER A 223 25.41 -14.31 15.70
N THR A 224 26.13 -15.05 14.85
CA THR A 224 27.59 -14.98 14.80
C THR A 224 28.03 -15.09 13.34
N VAL A 225 28.20 -13.95 12.69
CA VAL A 225 28.79 -13.91 11.36
C VAL A 225 30.28 -14.18 11.47
N THR A 226 30.83 -14.87 10.48
CA THR A 226 32.22 -15.33 10.52
C THR A 226 32.95 -14.92 9.25
N LEU A 227 32.87 -13.63 8.91
CA LEU A 227 33.59 -13.08 7.77
C LEU A 227 35.03 -13.55 7.74
N SER A 228 35.40 -14.23 6.65
CA SER A 228 36.77 -14.68 6.45
C SER A 228 37.23 -14.18 5.09
N MET A 229 38.34 -13.44 5.07
CA MET A 229 38.84 -12.84 3.85
C MET A 229 40.35 -12.94 3.80
N SER A 230 40.88 -12.89 2.58
CA SER A 230 42.31 -12.94 2.34
C SER A 230 42.59 -12.25 1.01
N ALA A 231 43.88 -12.12 0.69
CA ALA A 231 44.28 -11.46 -0.54
C ALA A 231 43.76 -12.21 -1.76
N ASP A 232 43.37 -11.44 -2.79
CA ASP A 232 42.82 -11.91 -4.08
C ASP A 232 42.06 -13.22 -3.96
N VAL A 233 41.14 -13.28 -2.99
CA VAL A 233 40.33 -14.48 -2.77
C VAL A 233 38.91 -14.03 -2.43
N PRO A 234 37.88 -14.69 -2.94
CA PRO A 234 36.50 -14.26 -2.65
C PRO A 234 36.21 -14.29 -1.16
N LEU A 235 35.44 -13.30 -0.71
CA LEU A 235 35.05 -13.23 0.69
C LEU A 235 34.05 -14.32 1.03
N VAL A 236 34.14 -14.85 2.25
CA VAL A 236 33.27 -15.91 2.72
C VAL A 236 32.47 -15.37 3.89
N VAL A 237 31.14 -15.39 3.77
CA VAL A 237 30.23 -15.00 4.84
C VAL A 237 29.45 -16.25 5.25
N GLU A 238 29.66 -16.71 6.48
CA GLU A 238 29.14 -17.98 6.93
C GLU A 238 28.26 -17.80 8.15
N TYR A 239 27.11 -18.47 8.15
CA TYR A 239 26.22 -18.55 9.30
C TYR A 239 26.07 -20.00 9.71
N LYS A 240 25.74 -20.22 10.98
CA LYS A 240 25.54 -21.56 11.51
C LYS A 240 24.05 -21.81 11.67
N ILE A 241 23.54 -22.86 11.02
CA ILE A 241 22.11 -23.19 11.08
C ILE A 241 21.94 -24.09 12.30
N ALA A 242 21.80 -23.46 13.47
CA ALA A 242 21.67 -24.18 14.73
C ALA A 242 22.76 -25.24 14.88
N ASP A 243 22.36 -26.51 14.85
CA ASP A 243 23.29 -27.64 14.81
C ASP A 243 22.89 -28.54 13.65
N MET A 244 22.70 -27.93 12.48
CA MET A 244 22.26 -28.64 11.29
C MET A 244 23.17 -28.44 10.09
N GLY A 245 23.79 -27.28 9.95
CA GLY A 245 24.64 -27.03 8.81
C GLY A 245 25.10 -25.59 8.79
N HIS A 246 25.53 -25.14 7.61
CA HIS A 246 26.03 -23.79 7.44
C HIS A 246 25.56 -23.24 6.10
N LEU A 247 25.41 -21.93 6.04
CA LEU A 247 24.97 -21.24 4.82
C LEU A 247 26.06 -20.22 4.47
N LYS A 248 26.93 -20.59 3.53
CA LYS A 248 28.06 -19.75 3.16
C LYS A 248 27.76 -18.95 1.91
N TYR A 249 28.17 -17.69 1.91
CA TYR A 249 28.06 -16.82 0.75
C TYR A 249 29.46 -16.50 0.24
N TYR A 250 29.65 -16.58 -1.06
CA TYR A 250 30.93 -16.30 -1.69
C TYR A 250 30.80 -15.07 -2.57
N LEU A 251 31.71 -14.12 -2.37
CA LEU A 251 31.70 -12.87 -3.15
C LEU A 251 33.14 -12.50 -3.49
N ALA A 252 33.43 -12.39 -4.77
CA ALA A 252 34.77 -12.00 -5.20
C ALA A 252 35.01 -10.53 -4.92
N PRO A 253 36.17 -10.16 -4.37
CA PRO A 253 36.44 -8.75 -4.10
C PRO A 253 36.51 -7.94 -5.38
N LYS A 254 36.07 -6.69 -5.29
CA LYS A 254 36.11 -5.81 -6.44
C LYS A 254 37.55 -5.40 -6.76
N ILE A 255 37.77 -5.03 -8.02
CA ILE A 255 39.08 -4.61 -8.49
C ILE A 255 39.20 -3.10 -8.29
N GLU A 256 40.30 -2.68 -7.66
CA GLU A 256 40.49 -1.26 -7.41
C GLU A 256 40.62 -0.46 -8.70
N ASP A 257 41.09 -1.10 -9.78
CA ASP A 257 41.18 -0.40 -11.06
C ASP A 257 39.80 -0.07 -11.61
N GLU A 258 38.77 -0.80 -11.21
CA GLU A 258 37.41 -0.50 -11.64
C GLU A 258 36.97 0.88 -11.14
N GLU A 259 37.30 1.20 -9.88
CA GLU A 259 36.91 2.48 -9.30
C GLU A 259 37.71 3.65 -9.86
N GLY A 260 38.82 3.38 -10.54
CA GLY A 260 39.62 4.47 -11.08
C GLY A 260 38.90 5.26 -12.15
N SER A 261 38.21 4.57 -13.05
CA SER A 261 37.48 5.23 -14.12
C SER A 261 36.06 5.58 -13.69
N MET B 1 -37.55 13.12 13.96
CA MET B 1 -36.15 13.49 14.14
C MET B 1 -35.35 12.30 14.64
N PHE B 2 -34.32 11.92 13.89
CA PHE B 2 -33.52 10.76 14.24
C PHE B 2 -32.46 11.13 15.27
N GLU B 3 -32.37 10.33 16.32
CA GLU B 3 -31.34 10.54 17.35
C GLU B 3 -30.99 9.18 17.94
N ALA B 4 -29.76 8.73 17.69
CA ALA B 4 -29.27 7.46 18.22
C ALA B 4 -27.96 7.71 18.94
N ARG B 5 -27.88 7.29 20.19
CA ARG B 5 -26.67 7.46 21.00
C ARG B 5 -26.06 6.09 21.24
N LEU B 6 -24.90 5.85 20.63
CA LEU B 6 -24.21 4.57 20.73
C LEU B 6 -22.94 4.77 21.55
N VAL B 7 -22.83 4.03 22.65
CA VAL B 7 -21.71 4.23 23.57
C VAL B 7 -20.42 3.67 23.01
N GLN B 8 -20.46 2.47 22.44
CA GLN B 8 -19.26 1.85 21.84
C GLN B 8 -19.12 2.35 20.42
N GLY B 9 -18.18 3.26 20.19
CA GLY B 9 -17.87 3.68 18.84
C GLY B 9 -17.06 2.67 18.04
N SER B 10 -16.39 1.74 18.74
CA SER B 10 -15.58 0.75 18.04
C SER B 10 -16.43 -0.14 17.15
N ILE B 11 -17.66 -0.45 17.56
CA ILE B 11 -18.54 -1.28 16.73
C ILE B 11 -18.83 -0.59 15.40
N LEU B 12 -19.18 0.69 15.46
CA LEU B 12 -19.45 1.43 14.22
C LEU B 12 -18.19 1.57 13.38
N LYS B 13 -17.04 1.79 14.02
CA LYS B 13 -15.79 1.87 13.28
C LYS B 13 -15.51 0.57 12.53
N LYS B 14 -15.68 -0.56 13.21
CA LYS B 14 -15.44 -1.85 12.58
C LYS B 14 -16.41 -2.11 11.45
N VAL B 15 -17.69 -1.77 11.66
CA VAL B 15 -18.69 -2.00 10.61
C VAL B 15 -18.35 -1.19 9.37
N LEU B 16 -18.04 0.09 9.56
CA LEU B 16 -17.72 0.94 8.41
C LEU B 16 -16.44 0.50 7.73
N GLU B 17 -15.46 0.02 8.50
CA GLU B 17 -14.26 -0.53 7.88
C GLU B 17 -14.57 -1.77 7.05
N ALA B 18 -15.48 -2.62 7.55
CA ALA B 18 -15.86 -3.82 6.81
C ALA B 18 -16.57 -3.46 5.52
N LEU B 19 -17.42 -2.45 5.53
CA LEU B 19 -18.22 -2.11 4.35
C LEU B 19 -17.53 -1.14 3.40
N LYS B 20 -16.37 -0.60 3.75
CA LYS B 20 -15.80 0.49 2.96
C LYS B 20 -15.14 0.01 1.67
N ASP B 21 -14.51 -1.16 1.67
CA ASP B 21 -13.75 -1.61 0.52
C ASP B 21 -14.58 -2.44 -0.46
N LEU B 22 -15.82 -2.75 -0.11
CA LEU B 22 -16.71 -3.52 -0.98
C LEU B 22 -17.85 -2.71 -1.55
N ILE B 23 -18.19 -1.58 -0.95
CA ILE B 23 -19.42 -0.86 -1.24
C ILE B 23 -19.10 0.62 -1.35
N ASN B 24 -19.69 1.28 -2.34
CA ASN B 24 -19.52 2.71 -2.54
C ASN B 24 -20.67 3.52 -1.96
N GLU B 25 -21.90 3.20 -2.34
CA GLU B 25 -23.09 3.88 -1.84
C GLU B 25 -24.06 2.86 -1.27
N ALA B 26 -24.87 3.30 -0.30
CA ALA B 26 -25.85 2.42 0.32
C ALA B 26 -27.08 3.21 0.70
N CYS B 27 -28.20 2.50 0.83
CA CYS B 27 -29.47 3.08 1.26
C CYS B 27 -29.62 2.83 2.75
N TRP B 28 -29.28 3.82 3.56
CA TRP B 28 -29.30 3.69 5.00
C TRP B 28 -30.73 3.68 5.54
N ASP B 29 -31.45 2.59 5.32
CA ASP B 29 -32.83 2.52 5.78
C ASP B 29 -32.90 2.63 7.29
N ILE B 30 -33.82 3.44 7.79
CA ILE B 30 -34.04 3.63 9.22
C ILE B 30 -35.52 3.41 9.49
N SER B 31 -35.82 2.89 10.68
CA SER B 31 -37.19 2.65 11.09
C SER B 31 -37.26 2.76 12.61
N SER B 32 -38.39 2.36 13.18
CA SER B 32 -38.59 2.37 14.62
C SER B 32 -38.02 1.14 15.30
N SER B 33 -37.47 0.19 14.54
CA SER B 33 -36.90 -1.02 15.11
C SER B 33 -35.38 -1.06 15.04
N GLY B 34 -34.76 -0.19 14.27
CA GLY B 34 -33.32 -0.13 14.16
C GLY B 34 -32.88 -0.01 12.71
N VAL B 35 -31.60 0.33 12.53
CA VAL B 35 -31.04 0.46 11.18
C VAL B 35 -31.07 -0.89 10.48
N ASN B 36 -31.56 -0.88 9.24
CA ASN B 36 -31.64 -2.09 8.42
C ASN B 36 -31.03 -1.78 7.07
N LEU B 37 -29.71 -1.92 6.97
CA LEU B 37 -29.02 -1.67 5.71
C LEU B 37 -29.17 -2.86 4.78
N GLN B 38 -29.28 -2.58 3.49
CA GLN B 38 -29.30 -3.62 2.47
C GLN B 38 -28.84 -2.96 1.17
N SER B 39 -27.58 -3.19 0.80
CA SER B 39 -27.01 -2.47 -0.33
C SER B 39 -26.45 -3.44 -1.36
N MET B 40 -25.56 -2.95 -2.22
CA MET B 40 -25.14 -3.69 -3.39
C MET B 40 -23.62 -3.62 -3.52
N ASP B 41 -23.10 -4.37 -4.47
CA ASP B 41 -21.71 -4.29 -4.89
C ASP B 41 -21.70 -3.85 -6.35
N SER B 42 -20.62 -3.16 -6.74
CA SER B 42 -20.53 -2.64 -8.11
C SER B 42 -20.57 -3.76 -9.13
N SER B 43 -19.86 -4.86 -8.86
CA SER B 43 -19.81 -5.97 -9.81
C SER B 43 -21.12 -6.75 -9.88
N HIS B 44 -22.09 -6.42 -9.02
CA HIS B 44 -23.45 -6.95 -9.12
C HIS B 44 -23.49 -8.45 -8.89
N VAL B 45 -22.62 -8.94 -8.00
CA VAL B 45 -22.57 -10.37 -7.70
C VAL B 45 -22.70 -10.67 -6.20
N SER B 46 -22.42 -9.72 -5.31
CA SER B 46 -22.47 -9.96 -3.87
C SER B 46 -23.44 -8.98 -3.21
N LEU B 47 -24.22 -9.50 -2.28
CA LEU B 47 -25.24 -8.71 -1.59
C LEU B 47 -24.94 -8.71 -0.09
N VAL B 48 -24.98 -7.53 0.52
CA VAL B 48 -24.65 -7.36 1.93
C VAL B 48 -25.90 -6.90 2.67
N GLN B 49 -25.95 -7.21 3.96
CA GLN B 49 -27.08 -6.81 4.80
C GLN B 49 -26.58 -6.51 6.20
N LEU B 50 -27.30 -5.63 6.89
CA LEU B 50 -26.94 -5.22 8.25
C LEU B 50 -28.22 -4.90 9.02
N THR B 51 -28.31 -5.38 10.25
CA THR B 51 -29.56 -5.35 11.01
C THR B 51 -29.31 -4.88 12.44
N LEU B 52 -28.65 -3.74 12.59
CA LEU B 52 -28.46 -3.15 13.92
C LEU B 52 -29.81 -2.94 14.59
N ARG B 53 -30.03 -3.64 15.70
CA ARG B 53 -31.31 -3.61 16.39
C ARG B 53 -31.46 -2.30 17.15
N SER B 54 -32.54 -2.17 17.93
CA SER B 54 -32.81 -0.96 18.67
C SER B 54 -32.44 -1.06 20.14
N GLU B 55 -32.48 -2.25 20.73
CA GLU B 55 -32.17 -2.39 22.15
C GLU B 55 -30.70 -2.14 22.43
N GLY B 56 -29.83 -2.37 21.46
CA GLY B 56 -28.41 -2.15 21.67
C GLY B 56 -28.06 -0.69 21.86
N PHE B 57 -28.72 0.19 21.12
CA PHE B 57 -28.48 1.62 21.26
C PHE B 57 -28.88 2.08 22.66
N ASP B 58 -28.03 2.92 23.27
CA ASP B 58 -28.32 3.42 24.60
C ASP B 58 -29.59 4.29 24.59
N THR B 59 -29.73 5.14 23.58
CA THR B 59 -30.92 5.97 23.43
C THR B 59 -31.33 5.99 21.97
N TYR B 60 -32.61 5.74 21.71
CA TYR B 60 -33.14 5.67 20.36
C TYR B 60 -34.45 6.43 20.29
N ARG B 61 -34.66 7.14 19.19
CA ARG B 61 -35.93 7.84 18.96
C ARG B 61 -36.04 8.13 17.48
N CYS B 62 -37.14 7.69 16.86
CA CYS B 62 -37.34 7.83 15.43
C CYS B 62 -38.82 8.06 15.17
N ASP B 63 -39.16 9.28 14.74
CA ASP B 63 -40.56 9.62 14.55
C ASP B 63 -41.15 8.92 13.33
N ARG B 64 -40.43 8.96 12.20
CA ARG B 64 -40.93 8.43 10.95
C ARG B 64 -39.86 7.61 10.27
N ASN B 65 -40.30 6.68 9.42
CA ASN B 65 -39.36 5.88 8.65
C ASN B 65 -38.64 6.74 7.63
N LEU B 66 -37.31 6.59 7.56
CA LEU B 66 -36.48 7.41 6.70
C LEU B 66 -35.62 6.53 5.82
N ALA B 67 -35.19 7.09 4.69
CA ALA B 67 -34.25 6.42 3.79
C ALA B 67 -33.18 7.43 3.42
N MET B 68 -31.92 7.07 3.65
CA MET B 68 -30.80 7.96 3.43
C MET B 68 -29.80 7.33 2.47
N GLY B 69 -29.29 8.14 1.55
CA GLY B 69 -28.21 7.72 0.70
C GLY B 69 -26.92 8.38 1.11
N VAL B 70 -26.04 7.64 1.77
CA VAL B 70 -24.83 8.19 2.37
C VAL B 70 -23.62 7.58 1.68
N ASN B 71 -22.68 8.44 1.27
CA ASN B 71 -21.45 7.97 0.65
C ASN B 71 -20.64 7.18 1.67
N LEU B 72 -20.48 5.88 1.42
CA LEU B 72 -19.83 5.01 2.38
C LEU B 72 -18.37 5.38 2.57
N THR B 73 -17.68 5.77 1.49
CA THR B 73 -16.30 6.19 1.63
C THR B 73 -16.16 7.42 2.51
N SER B 74 -17.05 8.41 2.32
CA SER B 74 -17.01 9.60 3.14
C SER B 74 -17.27 9.29 4.60
N MET B 75 -18.27 8.43 4.88
CA MET B 75 -18.56 8.07 6.26
C MET B 75 -17.41 7.30 6.88
N SER B 76 -16.76 6.43 6.11
CA SER B 76 -15.60 5.72 6.63
C SER B 76 -14.46 6.68 6.95
N LYS B 77 -14.22 7.66 6.08
CA LYS B 77 -13.18 8.65 6.34
C LYS B 77 -13.49 9.45 7.60
N ILE B 78 -14.75 9.83 7.78
CA ILE B 78 -15.12 10.58 8.98
C ILE B 78 -14.94 9.73 10.23
N LEU B 79 -15.40 8.47 10.18
CA LEU B 79 -15.29 7.59 11.34
C LEU B 79 -13.86 7.26 11.70
N LYS B 80 -12.97 7.16 10.72
CA LYS B 80 -11.57 6.88 11.02
C LYS B 80 -10.95 7.97 11.89
N CYS B 81 -11.44 9.20 11.77
CA CYS B 81 -10.92 10.31 12.56
C CYS B 81 -11.28 10.21 14.04
N ALA B 82 -12.18 9.31 14.42
CA ALA B 82 -12.62 9.20 15.80
C ALA B 82 -11.87 8.07 16.50
N GLY B 83 -11.60 8.26 17.78
CA GLY B 83 -10.92 7.25 18.57
C GLY B 83 -11.82 6.07 18.88
N ASN B 84 -11.21 5.02 19.45
CA ASN B 84 -11.91 3.79 19.74
C ASN B 84 -12.55 3.79 21.12
N GLU B 85 -12.82 4.97 21.69
CA GLU B 85 -13.51 5.04 22.98
C GLU B 85 -14.56 6.14 23.01
N ASP B 86 -14.85 6.79 21.89
CA ASP B 86 -15.79 7.89 21.86
C ASP B 86 -17.22 7.38 21.95
N ILE B 87 -18.17 8.31 21.91
CA ILE B 87 -19.59 8.01 22.02
C ILE B 87 -20.27 8.59 20.79
N ILE B 88 -20.44 7.77 19.75
CA ILE B 88 -21.07 8.23 18.52
C ILE B 88 -22.53 8.58 18.80
N THR B 89 -22.99 9.68 18.21
CA THR B 89 -24.31 10.23 18.47
C THR B 89 -25.00 10.61 17.16
N LEU B 90 -25.06 9.67 16.22
CA LEU B 90 -25.71 9.91 14.93
C LEU B 90 -27.08 10.57 15.12
N ARG B 91 -27.30 11.64 14.38
CA ARG B 91 -28.55 12.39 14.47
C ARG B 91 -28.79 13.10 13.14
N ALA B 92 -30.01 12.98 12.62
CA ALA B 92 -30.38 13.59 11.36
C ALA B 92 -31.69 14.34 11.52
N GLU B 93 -31.73 15.59 11.08
CA GLU B 93 -32.94 16.37 11.13
C GLU B 93 -33.90 15.95 10.03
N ASP B 94 -35.15 16.36 10.16
CA ASP B 94 -36.17 16.01 9.18
C ASP B 94 -35.91 16.73 7.86
N ASN B 95 -35.77 15.95 6.79
CA ASN B 95 -35.52 16.43 5.43
C ASN B 95 -34.52 17.59 5.42
N ALA B 96 -33.36 17.34 6.01
CA ALA B 96 -32.30 18.35 6.08
C ALA B 96 -31.03 17.94 5.35
N ASP B 97 -30.93 16.70 4.87
CA ASP B 97 -29.77 16.21 4.14
C ASP B 97 -28.48 16.40 4.95
N THR B 98 -28.56 16.10 6.24
CA THR B 98 -27.41 16.25 7.14
C THR B 98 -27.41 15.10 8.14
N LEU B 99 -26.32 14.35 8.16
CA LEU B 99 -26.11 13.29 9.14
C LEU B 99 -25.10 13.80 10.16
N ALA B 100 -25.60 14.49 11.18
CA ALA B 100 -24.75 15.22 12.12
C ALA B 100 -24.12 14.24 13.11
N LEU B 101 -22.93 13.76 12.77
CA LEU B 101 -22.19 12.93 13.70
C LEU B 101 -21.65 13.78 14.85
N VAL B 102 -21.69 13.23 16.06
CA VAL B 102 -21.15 13.89 17.24
C VAL B 102 -20.35 12.86 18.02
N PHE B 103 -19.07 13.14 18.24
CA PHE B 103 -18.19 12.27 19.02
C PHE B 103 -17.85 12.97 20.33
N GLU B 104 -18.18 12.33 21.44
CA GLU B 104 -17.80 12.85 22.75
C GLU B 104 -16.49 12.19 23.18
N ALA B 105 -16.09 12.41 24.42
CA ALA B 105 -14.85 11.84 24.94
C ALA B 105 -15.09 11.25 26.32
N PRO B 106 -14.36 10.18 26.67
CA PRO B 106 -14.52 9.59 28.01
C PRO B 106 -14.19 10.56 29.15
N ASN B 107 -13.32 11.53 28.91
CA ASN B 107 -12.94 12.52 29.92
C ASN B 107 -13.71 13.83 29.77
N GLN B 108 -14.75 13.85 28.93
CA GLN B 108 -15.54 15.04 28.61
C GLN B 108 -14.72 16.33 28.61
N GLU B 109 -13.69 16.40 27.78
CA GLU B 109 -12.94 17.64 27.59
C GLU B 109 -12.75 17.99 26.12
N LYS B 110 -13.24 17.17 25.20
CA LYS B 110 -13.08 17.44 23.77
C LYS B 110 -14.24 16.79 23.03
N VAL B 111 -15.09 17.60 22.42
CA VAL B 111 -16.21 17.11 21.64
C VAL B 111 -15.98 17.50 20.18
N SER B 112 -16.56 16.71 19.27
CA SER B 112 -16.41 16.93 17.85
C SER B 112 -17.78 16.88 17.20
N ASP B 113 -18.10 17.92 16.42
CA ASP B 113 -19.34 17.98 15.68
C ASP B 113 -19.02 17.92 14.19
N TYR B 114 -19.69 17.03 13.48
CA TYR B 114 -19.48 16.86 12.04
C TYR B 114 -20.81 16.97 11.32
N GLU B 115 -20.73 17.07 10.01
CA GLU B 115 -21.91 17.06 9.15
C GLU B 115 -21.56 16.40 7.84
N MET B 116 -22.56 15.79 7.20
CA MET B 116 -22.37 15.15 5.92
C MET B 116 -23.52 15.52 5.01
N LYS B 117 -23.27 15.46 3.70
CA LYS B 117 -24.27 15.77 2.70
C LYS B 117 -24.88 14.47 2.19
N LEU B 118 -26.19 14.33 2.38
CA LEU B 118 -26.89 13.14 1.92
C LEU B 118 -27.01 13.16 0.40
N MET B 119 -27.33 12.00 -0.17
CA MET B 119 -27.48 11.84 -1.60
C MET B 119 -28.81 11.18 -1.91
N ASP B 120 -29.26 11.33 -3.15
CA ASP B 120 -30.50 10.73 -3.62
C ASP B 120 -30.18 9.43 -4.35
N LEU B 121 -30.71 8.33 -3.86
CA LEU B 121 -30.45 7.01 -4.42
C LEU B 121 -31.76 6.38 -4.89
N ASP B 122 -31.67 5.59 -5.96
CA ASP B 122 -32.82 4.85 -6.46
C ASP B 122 -33.00 3.61 -5.58
N VAL B 123 -33.95 3.68 -4.65
CA VAL B 123 -34.15 2.61 -3.67
C VAL B 123 -34.72 1.40 -4.40
N GLU B 124 -33.90 0.37 -4.57
CA GLU B 124 -34.33 -0.90 -5.15
C GLU B 124 -34.59 -1.87 -4.02
N GLN B 125 -35.83 -2.36 -3.93
CA GLN B 125 -36.22 -3.25 -2.85
C GLN B 125 -36.04 -4.68 -3.32
N LEU B 126 -35.32 -5.47 -2.53
CA LEU B 126 -35.07 -6.87 -2.82
C LEU B 126 -35.57 -7.72 -1.66
N GLY B 127 -36.39 -8.72 -1.98
CA GLY B 127 -36.90 -9.62 -0.96
C GLY B 127 -36.15 -10.93 -0.92
N ILE B 128 -35.29 -11.11 0.07
CA ILE B 128 -34.48 -12.32 0.19
C ILE B 128 -35.38 -13.47 0.59
N PRO B 129 -35.45 -14.55 -0.21
CA PRO B 129 -36.31 -15.68 0.15
C PRO B 129 -35.56 -16.64 1.08
N GLU B 130 -36.08 -16.81 2.29
CA GLU B 130 -35.46 -17.71 3.25
C GLU B 130 -35.60 -19.15 2.77
N GLN B 131 -34.56 -19.95 3.03
CA GLN B 131 -34.52 -21.32 2.56
C GLN B 131 -33.69 -22.16 3.52
N GLU B 132 -33.90 -23.47 3.45
CA GLU B 132 -33.13 -24.40 4.26
C GLU B 132 -31.74 -24.59 3.68
N TYR B 133 -30.77 -24.82 4.55
CA TYR B 133 -29.38 -24.99 4.16
C TYR B 133 -28.89 -26.38 4.57
N SER B 134 -28.11 -27.00 3.69
CA SER B 134 -27.62 -28.36 3.95
C SER B 134 -26.42 -28.35 4.88
N CYS B 135 -25.33 -27.73 4.45
CA CYS B 135 -24.10 -27.64 5.24
C CYS B 135 -24.10 -26.35 6.04
N VAL B 136 -24.01 -26.47 7.37
CA VAL B 136 -23.87 -25.32 8.26
C VAL B 136 -22.57 -25.52 9.04
N VAL B 137 -21.66 -24.57 8.92
CA VAL B 137 -20.34 -24.66 9.52
C VAL B 137 -20.07 -23.39 10.31
N LYS B 138 -19.63 -23.55 11.56
CA LYS B 138 -19.20 -22.44 12.38
C LYS B 138 -17.81 -22.73 12.92
N MET B 139 -16.93 -21.73 12.86
CA MET B 139 -15.54 -21.90 13.24
C MET B 139 -14.97 -20.55 13.61
N PRO B 140 -13.84 -20.51 14.32
CA PRO B 140 -13.24 -19.22 14.67
C PRO B 140 -12.95 -18.38 13.44
N SER B 141 -13.21 -17.07 13.56
CA SER B 141 -13.06 -16.18 12.42
C SER B 141 -11.59 -16.07 12.00
N GLY B 142 -10.67 -16.08 12.96
CA GLY B 142 -9.26 -15.96 12.63
C GLY B 142 -8.78 -17.09 11.75
N GLU B 143 -9.19 -18.32 12.06
CA GLU B 143 -8.78 -19.47 11.25
C GLU B 143 -9.32 -19.36 9.82
N PHE B 144 -10.58 -18.95 9.67
CA PHE B 144 -11.15 -18.80 8.33
C PHE B 144 -10.44 -17.71 7.55
N ALA B 145 -10.14 -16.58 8.19
CA ALA B 145 -9.43 -15.51 7.52
C ALA B 145 -8.04 -15.95 7.10
N ARG B 146 -7.34 -16.66 7.98
CA ARG B 146 -6.00 -17.15 7.64
C ARG B 146 -6.06 -18.15 6.51
N ILE B 147 -7.07 -19.02 6.49
CA ILE B 147 -7.21 -20.00 5.42
C ILE B 147 -7.42 -19.30 4.09
N CYS B 148 -8.33 -18.30 4.07
CA CYS B 148 -8.57 -17.58 2.82
C CYS B 148 -7.33 -16.83 2.35
N ARG B 149 -6.62 -16.18 3.27
CA ARG B 149 -5.43 -15.45 2.89
C ARG B 149 -4.35 -16.38 2.37
N ASP B 150 -4.20 -17.55 2.99
CA ASP B 150 -3.21 -18.53 2.51
C ASP B 150 -3.58 -19.04 1.13
N LEU B 151 -4.84 -19.37 0.90
CA LEU B 151 -5.25 -19.92 -0.38
C LEU B 151 -5.27 -18.87 -1.48
N SER B 152 -5.31 -17.59 -1.13
CA SER B 152 -5.30 -16.56 -2.17
C SER B 152 -4.01 -16.58 -2.98
N HIS B 153 -2.88 -16.92 -2.34
CA HIS B 153 -1.61 -16.93 -3.05
C HIS B 153 -1.57 -18.01 -4.13
N ILE B 154 -2.13 -19.19 -3.84
CA ILE B 154 -1.98 -20.33 -4.74
C ILE B 154 -2.80 -20.12 -6.01
N GLY B 155 -4.13 -20.01 -5.86
CA GLY B 155 -5.01 -19.90 -6.99
C GLY B 155 -6.00 -18.77 -6.81
N ASP B 156 -7.18 -18.94 -7.42
CA ASP B 156 -8.24 -17.96 -7.34
C ASP B 156 -9.60 -18.55 -7.02
N ALA B 157 -9.83 -19.84 -7.25
CA ALA B 157 -11.09 -20.48 -6.94
C ALA B 157 -10.88 -21.53 -5.85
N VAL B 158 -11.76 -21.54 -4.86
CA VAL B 158 -11.68 -22.45 -3.73
C VAL B 158 -12.82 -23.46 -3.84
N VAL B 159 -12.50 -24.73 -3.71
CA VAL B 159 -13.48 -25.81 -3.82
C VAL B 159 -13.74 -26.31 -2.39
N ILE B 160 -14.75 -25.76 -1.76
CA ILE B 160 -15.09 -26.13 -0.39
C ILE B 160 -15.80 -27.48 -0.41
N SER B 161 -15.27 -28.44 0.34
CA SER B 161 -15.85 -29.77 0.45
C SER B 161 -16.30 -29.95 1.89
N CYS B 162 -17.57 -29.67 2.16
CA CYS B 162 -18.09 -29.71 3.52
C CYS B 162 -18.24 -31.15 3.98
N ALA B 163 -17.13 -31.87 4.12
CA ALA B 163 -17.16 -33.27 4.51
C ALA B 163 -17.36 -33.39 6.02
N LYS B 164 -18.07 -34.45 6.41
CA LYS B 164 -18.42 -34.64 7.82
C LYS B 164 -17.21 -34.95 8.69
N ASP B 165 -16.11 -35.40 8.11
CA ASP B 165 -14.89 -35.66 8.87
C ASP B 165 -14.08 -34.40 9.11
N GLY B 166 -14.48 -33.26 8.54
CA GLY B 166 -13.75 -32.02 8.67
C GLY B 166 -13.78 -31.22 7.38
N VAL B 167 -14.07 -29.92 7.49
CA VAL B 167 -14.15 -29.09 6.29
C VAL B 167 -12.80 -29.09 5.59
N LYS B 168 -12.83 -29.24 4.27
CA LYS B 168 -11.61 -29.38 3.48
C LYS B 168 -11.66 -28.40 2.31
N PHE B 169 -10.86 -27.35 2.39
CA PHE B 169 -10.73 -26.39 1.30
C PHE B 169 -9.73 -26.92 0.29
N SER B 170 -9.78 -26.38 -0.93
CA SER B 170 -8.88 -26.80 -1.99
C SER B 170 -8.81 -25.72 -3.05
N ALA B 171 -7.60 -25.37 -3.47
CA ALA B 171 -7.40 -24.42 -4.55
C ALA B 171 -6.26 -24.91 -5.44
N SER B 172 -6.45 -24.80 -6.75
CA SER B 172 -5.47 -25.25 -7.72
C SER B 172 -5.09 -24.10 -8.64
N GLY B 173 -3.79 -23.91 -8.82
CA GLY B 173 -3.30 -22.85 -9.69
C GLY B 173 -2.08 -23.28 -10.49
N GLU B 174 -1.48 -22.33 -11.20
CA GLU B 174 -0.29 -22.62 -12.00
C GLU B 174 0.92 -22.99 -11.13
N LEU B 175 0.93 -22.57 -9.86
CA LEU B 175 2.02 -22.90 -8.96
C LEU B 175 1.84 -24.26 -8.30
N GLY B 176 0.73 -24.94 -8.54
CA GLY B 176 0.40 -26.21 -7.93
C GLY B 176 -0.97 -26.13 -7.30
N ASN B 177 -1.27 -27.11 -6.45
CA ASN B 177 -2.53 -27.13 -5.73
C ASN B 177 -2.27 -27.43 -4.26
N GLY B 178 -3.07 -26.83 -3.40
CA GLY B 178 -2.94 -27.06 -1.97
C GLY B 178 -4.28 -27.14 -1.27
N ASN B 179 -4.50 -28.21 -0.51
CA ASN B 179 -5.76 -28.42 0.19
C ASN B 179 -5.53 -28.38 1.70
N ILE B 180 -6.39 -27.63 2.38
CA ILE B 180 -6.31 -27.43 3.82
C ILE B 180 -7.56 -28.03 4.44
N LYS B 181 -7.38 -28.81 5.51
CA LYS B 181 -8.50 -29.43 6.18
C LYS B 181 -8.41 -29.18 7.68
N LEU B 182 -9.57 -29.06 8.32
CA LEU B 182 -9.68 -28.89 9.75
C LEU B 182 -10.35 -30.12 10.36
N SER B 183 -10.51 -30.11 11.67
CA SER B 183 -11.12 -31.21 12.39
C SER B 183 -12.13 -30.69 13.39
N GLN B 184 -13.16 -31.48 13.64
CA GLN B 184 -14.20 -31.09 14.59
C GLN B 184 -13.62 -31.02 16.00
N THR B 185 -14.16 -30.11 16.81
CA THR B 185 -13.77 -29.95 18.19
C THR B 185 -14.83 -30.55 19.10
N SER B 186 -14.41 -31.42 20.01
CA SER B 186 -15.32 -32.17 20.87
C SER B 186 -15.22 -31.80 22.34
N ASN B 187 -14.02 -31.49 22.84
CA ASN B 187 -13.82 -31.28 24.26
C ASN B 187 -13.63 -29.82 24.65
N VAL B 188 -13.14 -28.97 23.75
CA VAL B 188 -12.90 -27.57 24.07
C VAL B 188 -14.24 -26.86 24.20
N ASP B 189 -14.55 -26.41 25.42
CA ASP B 189 -15.81 -25.71 25.67
C ASP B 189 -15.80 -24.26 25.25
N LYS B 190 -14.63 -23.71 24.90
CA LYS B 190 -14.57 -22.32 24.50
C LYS B 190 -15.31 -22.10 23.19
N GLU B 191 -16.10 -21.03 23.13
CA GLU B 191 -16.88 -20.74 21.94
C GLU B 191 -16.01 -20.25 20.78
N GLU B 192 -14.82 -19.73 21.07
CA GLU B 192 -13.90 -19.27 20.04
C GLU B 192 -12.98 -20.37 19.55
N GLU B 193 -13.36 -21.63 19.73
CA GLU B 193 -12.56 -22.75 19.24
C GLU B 193 -13.38 -23.85 18.59
N ALA B 194 -14.70 -23.87 18.73
CA ALA B 194 -15.50 -24.94 18.17
C ALA B 194 -15.51 -24.87 16.65
N VAL B 195 -15.45 -26.04 16.02
CA VAL B 195 -15.49 -26.15 14.56
C VAL B 195 -16.68 -27.03 14.19
N THR B 196 -17.75 -26.92 14.97
CA THR B 196 -18.92 -27.79 14.78
C THR B 196 -19.48 -27.67 13.38
N ILE B 197 -19.78 -28.82 12.77
CA ILE B 197 -20.28 -28.91 11.41
C ILE B 197 -21.62 -29.63 11.41
N GLU B 198 -22.56 -29.13 10.62
CA GLU B 198 -23.90 -29.69 10.52
C GLU B 198 -24.12 -30.28 9.13
N MET B 199 -24.64 -31.50 9.08
CA MET B 199 -24.83 -32.23 7.83
C MET B 199 -26.27 -32.66 7.63
N ASN B 200 -26.77 -32.44 6.43
CA ASN B 200 -28.01 -33.02 5.92
C ASN B 200 -27.80 -33.72 4.59
N GLU B 201 -26.96 -33.17 3.71
CA GLU B 201 -26.60 -33.75 2.42
C GLU B 201 -25.21 -33.26 2.07
N PRO B 202 -24.35 -34.11 1.52
CA PRO B 202 -23.01 -33.66 1.11
C PRO B 202 -23.10 -32.61 0.02
N VAL B 203 -22.18 -31.64 0.06
CA VAL B 203 -22.14 -30.54 -0.90
C VAL B 203 -20.72 -30.32 -1.36
N GLN B 204 -20.59 -29.65 -2.50
CA GLN B 204 -19.28 -29.30 -3.06
C GLN B 204 -19.50 -28.15 -4.03
N LEU B 205 -18.87 -27.01 -3.77
CA LEU B 205 -19.10 -25.82 -4.59
C LEU B 205 -17.78 -25.14 -4.94
N THR B 206 -17.87 -23.94 -5.53
CA THR B 206 -16.69 -23.20 -5.95
C THR B 206 -17.00 -21.72 -5.91
N PHE B 207 -16.13 -20.94 -5.27
CA PHE B 207 -16.33 -19.51 -5.13
C PHE B 207 -15.02 -18.78 -5.43
N ALA B 208 -15.16 -17.52 -5.84
CA ALA B 208 -13.99 -16.69 -6.10
C ALA B 208 -13.35 -16.29 -4.79
N LEU B 209 -12.03 -16.43 -4.69
CA LEU B 209 -11.33 -16.15 -3.45
C LEU B 209 -11.21 -14.66 -3.17
N ARG B 210 -11.24 -13.82 -4.20
CA ARG B 210 -11.14 -12.38 -3.97
C ARG B 210 -12.34 -11.87 -3.17
N TYR B 211 -13.54 -12.36 -3.49
CA TYR B 211 -14.71 -11.95 -2.74
C TYR B 211 -14.68 -12.47 -1.31
N LEU B 212 -14.13 -13.67 -1.10
CA LEU B 212 -14.00 -14.16 0.27
C LEU B 212 -13.00 -13.32 1.06
N ASN B 213 -11.91 -12.89 0.41
CA ASN B 213 -10.97 -11.99 1.07
C ASN B 213 -11.64 -10.67 1.44
N PHE B 214 -12.46 -10.14 0.54
CA PHE B 214 -13.22 -8.94 0.86
C PHE B 214 -14.16 -9.17 2.03
N PHE B 215 -14.83 -10.34 2.06
CA PHE B 215 -15.76 -10.64 3.13
C PHE B 215 -15.07 -10.71 4.47
N THR B 216 -13.89 -11.33 4.51
CA THR B 216 -13.22 -11.53 5.80
C THR B 216 -12.68 -10.26 6.43
N LYS B 217 -12.95 -9.06 5.90
CA LYS B 217 -12.48 -7.84 6.54
C LYS B 217 -13.20 -7.57 7.85
N ALA B 218 -14.36 -8.19 8.08
CA ALA B 218 -15.14 -8.00 9.30
C ALA B 218 -14.73 -8.95 10.42
N THR B 219 -13.50 -9.47 10.38
CA THR B 219 -13.04 -10.37 11.43
C THR B 219 -13.06 -9.75 12.83
N PRO B 220 -12.63 -8.50 13.04
CA PRO B 220 -12.64 -7.96 14.41
C PRO B 220 -14.04 -7.84 15.01
N LEU B 221 -15.08 -7.90 14.19
CA LEU B 221 -16.45 -7.74 14.70
C LEU B 221 -16.80 -8.86 15.68
N SER B 222 -16.44 -10.10 15.35
CA SER B 222 -16.77 -11.23 16.21
C SER B 222 -15.76 -12.35 15.96
N SER B 223 -15.68 -13.27 16.93
CA SER B 223 -14.71 -14.35 16.86
C SER B 223 -15.22 -15.56 16.09
N THR B 224 -16.53 -15.77 16.03
CA THR B 224 -17.11 -16.95 15.40
C THR B 224 -17.85 -16.54 14.13
N VAL B 225 -17.53 -17.21 13.03
CA VAL B 225 -18.14 -16.97 11.73
C VAL B 225 -18.93 -18.21 11.33
N THR B 226 -20.17 -18.02 10.90
CA THR B 226 -21.05 -19.11 10.51
C THR B 226 -21.20 -19.13 9.01
N LEU B 227 -20.99 -20.30 8.41
CA LEU B 227 -21.15 -20.50 6.97
C LEU B 227 -22.32 -21.42 6.71
N SER B 228 -23.19 -21.01 5.80
CA SER B 228 -24.35 -21.81 5.41
C SER B 228 -24.41 -21.85 3.89
N MET B 229 -24.62 -23.05 3.35
CA MET B 229 -24.70 -23.20 1.89
C MET B 229 -25.41 -24.51 1.59
N SER B 230 -25.89 -24.61 0.35
CA SER B 230 -26.57 -25.81 -0.12
C SER B 230 -26.40 -25.88 -1.64
N ALA B 231 -27.17 -26.74 -2.28
CA ALA B 231 -27.01 -26.98 -3.71
C ALA B 231 -27.61 -25.82 -4.51
N ASP B 232 -26.78 -25.17 -5.32
CA ASP B 232 -27.22 -24.13 -6.25
C ASP B 232 -27.92 -22.98 -5.55
N VAL B 233 -27.41 -22.60 -4.38
CA VAL B 233 -27.92 -21.43 -3.67
C VAL B 233 -26.72 -20.59 -3.21
N PRO B 234 -26.88 -19.28 -3.04
CA PRO B 234 -25.73 -18.46 -2.65
C PRO B 234 -25.22 -18.81 -1.25
N LEU B 235 -23.92 -18.60 -1.06
CA LEU B 235 -23.29 -18.83 0.23
C LEU B 235 -23.58 -17.67 1.17
N VAL B 236 -23.83 -17.99 2.44
CA VAL B 236 -24.16 -17.00 3.45
C VAL B 236 -23.06 -17.00 4.51
N VAL B 237 -22.39 -15.87 4.66
CA VAL B 237 -21.36 -15.69 5.69
C VAL B 237 -21.91 -14.69 6.70
N GLU B 238 -22.07 -15.14 7.95
CA GLU B 238 -22.77 -14.35 8.96
C GLU B 238 -21.87 -14.09 10.14
N TYR B 239 -21.77 -12.81 10.53
CA TYR B 239 -21.07 -12.40 11.75
C TYR B 239 -22.08 -11.79 12.71
N LYS B 240 -21.95 -12.12 13.99
CA LYS B 240 -22.86 -11.63 15.01
C LYS B 240 -22.23 -10.42 15.70
N ILE B 241 -22.91 -9.28 15.63
CA ILE B 241 -22.40 -8.04 16.23
C ILE B 241 -22.90 -8.02 17.67
N ALA B 242 -22.17 -8.72 18.54
CA ALA B 242 -22.50 -8.79 19.96
C ALA B 242 -23.96 -9.17 20.18
N ASP B 243 -24.69 -8.32 20.89
CA ASP B 243 -26.12 -8.48 21.10
C ASP B 243 -26.93 -7.42 20.36
N MET B 244 -26.32 -6.76 19.38
CA MET B 244 -26.94 -5.63 18.70
C MET B 244 -27.47 -5.96 17.31
N GLY B 245 -27.05 -7.08 16.73
CA GLY B 245 -27.52 -7.42 15.39
C GLY B 245 -26.63 -8.45 14.73
N HIS B 246 -26.58 -8.40 13.41
CA HIS B 246 -25.80 -9.35 12.64
C HIS B 246 -25.40 -8.72 11.32
N LEU B 247 -24.40 -9.32 10.68
CA LEU B 247 -23.88 -8.86 9.40
C LEU B 247 -23.74 -10.06 8.48
N LYS B 248 -24.54 -10.10 7.42
CA LYS B 248 -24.56 -11.22 6.48
C LYS B 248 -24.02 -10.80 5.13
N TYR B 249 -23.27 -11.69 4.50
CA TYR B 249 -22.80 -11.51 3.14
C TYR B 249 -23.37 -12.62 2.27
N TYR B 250 -23.47 -12.35 0.97
CA TYR B 250 -23.96 -13.32 0.00
C TYR B 250 -22.98 -13.39 -1.17
N LEU B 251 -22.83 -14.59 -1.73
CA LEU B 251 -21.94 -14.80 -2.86
C LEU B 251 -22.53 -15.85 -3.79
N ALA B 252 -22.39 -15.63 -5.09
CA ALA B 252 -22.93 -16.54 -6.08
C ALA B 252 -21.89 -17.58 -6.46
N PRO B 253 -22.16 -18.87 -6.27
CA PRO B 253 -21.15 -19.89 -6.61
C PRO B 253 -20.82 -19.87 -8.09
N LYS B 254 -19.55 -20.12 -8.39
CA LYS B 254 -19.11 -20.19 -9.77
C LYS B 254 -19.71 -21.40 -10.47
N ILE B 255 -19.97 -21.24 -11.77
CA ILE B 255 -20.49 -22.33 -12.58
C ILE B 255 -19.32 -23.23 -12.96
N GLU B 256 -19.59 -24.54 -13.04
CA GLU B 256 -18.54 -25.50 -13.37
C GLU B 256 -18.00 -25.26 -14.78
N ASP B 257 -18.87 -24.88 -15.71
CA ASP B 257 -18.44 -24.62 -17.09
C ASP B 257 -17.51 -23.42 -17.19
N GLU B 258 -17.51 -22.53 -16.19
CA GLU B 258 -16.60 -21.40 -16.21
C GLU B 258 -15.14 -21.86 -16.11
N GLU B 259 -14.89 -22.93 -15.37
CA GLU B 259 -13.54 -23.47 -15.23
C GLU B 259 -13.04 -24.13 -16.51
N GLY B 260 -13.92 -24.46 -17.44
CA GLY B 260 -13.48 -25.09 -18.68
C GLY B 260 -12.65 -24.15 -19.53
N SER B 261 -13.01 -22.87 -19.56
CA SER B 261 -12.28 -21.89 -20.36
C SER B 261 -10.91 -21.60 -19.76
N MET C 1 38.31 26.83 15.99
CA MET C 1 37.59 25.60 15.73
C MET C 1 36.36 25.48 16.63
N PHE C 2 35.35 24.78 16.14
CA PHE C 2 34.08 24.61 16.84
C PHE C 2 33.89 23.15 17.22
N GLU C 3 33.59 22.89 18.49
CA GLU C 3 33.37 21.54 18.98
C GLU C 3 32.20 21.55 19.95
N ALA C 4 31.19 20.73 19.68
CA ALA C 4 30.03 20.59 20.54
C ALA C 4 29.83 19.13 20.87
N ARG C 5 29.80 18.80 22.16
CA ARG C 5 29.61 17.44 22.64
C ARG C 5 28.22 17.35 23.27
N LEU C 6 27.31 16.66 22.60
CA LEU C 6 25.92 16.56 23.03
C LEU C 6 25.67 15.14 23.53
N VAL C 7 25.23 15.02 24.79
CA VAL C 7 24.95 13.70 25.35
C VAL C 7 23.71 13.11 24.72
N GLN C 8 22.67 13.92 24.51
CA GLN C 8 21.38 13.44 24.00
C GLN C 8 21.34 13.67 22.49
N GLY C 9 21.66 12.63 21.73
CA GLY C 9 21.54 12.72 20.28
C GLY C 9 20.12 12.67 19.77
N SER C 10 19.19 12.14 20.58
CA SER C 10 17.80 12.07 20.16
C SER C 10 17.22 13.45 19.93
N ILE C 11 17.67 14.45 20.69
CA ILE C 11 17.19 15.82 20.49
C ILE C 11 17.56 16.31 19.10
N LEU C 12 18.81 16.11 18.69
CA LEU C 12 19.24 16.51 17.36
C LEU C 12 18.50 15.72 16.29
N LYS C 13 18.30 14.42 16.52
CA LYS C 13 17.56 13.61 15.56
C LYS C 13 16.15 14.16 15.35
N LYS C 14 15.46 14.46 16.45
CA LYS C 14 14.09 14.98 16.34
C LYS C 14 14.07 16.35 15.68
N VAL C 15 15.03 17.22 16.02
CA VAL C 15 15.07 18.55 15.41
C VAL C 15 15.27 18.44 13.90
N LEU C 16 16.22 17.61 13.47
CA LEU C 16 16.47 17.45 12.05
C LEU C 16 15.29 16.81 11.34
N GLU C 17 14.60 15.88 12.00
CA GLU C 17 13.40 15.31 11.41
C GLU C 17 12.33 16.38 11.24
N ALA C 18 12.19 17.28 12.21
CA ALA C 18 11.20 18.34 12.12
C ALA C 18 11.53 19.31 10.99
N LEU C 19 12.81 19.66 10.83
CA LEU C 19 13.20 20.68 9.86
C LEU C 19 13.43 20.15 8.45
N LYS C 20 13.41 18.83 8.25
CA LYS C 20 13.82 18.29 6.96
C LYS C 20 12.77 18.47 5.88
N ASP C 21 11.49 18.44 6.23
CA ASP C 21 10.43 18.49 5.23
C ASP C 21 9.92 19.90 4.95
N LEU C 22 10.46 20.91 5.63
CA LEU C 22 10.03 22.28 5.44
C LEU C 22 11.12 23.19 4.91
N ILE C 23 12.38 22.94 5.25
CA ILE C 23 13.49 23.77 4.84
C ILE C 23 14.58 22.87 4.26
N ASN C 24 15.12 23.27 3.11
CA ASN C 24 16.18 22.52 2.46
C ASN C 24 17.58 23.03 2.81
N GLU C 25 17.77 24.35 2.82
CA GLU C 25 19.06 24.95 3.14
C GLU C 25 18.88 25.97 4.25
N ALA C 26 19.85 26.01 5.16
CA ALA C 26 19.78 26.91 6.29
C ALA C 26 21.17 27.37 6.68
N CYS C 27 21.23 28.44 7.45
CA CYS C 27 22.48 29.03 7.91
C CYS C 27 22.52 28.99 9.43
N TRP C 28 23.50 28.27 9.98
CA TRP C 28 23.63 28.11 11.42
C TRP C 28 24.54 29.22 11.95
N ASP C 29 23.93 30.28 12.46
CA ASP C 29 24.68 31.40 13.03
C ASP C 29 25.25 30.97 14.37
N ILE C 30 26.47 30.45 14.36
CA ILE C 30 27.10 29.91 15.56
C ILE C 30 27.84 31.03 16.28
N SER C 31 27.59 31.17 17.57
CA SER C 31 28.27 32.16 18.40
C SER C 31 28.52 31.55 19.77
N SER C 32 29.10 32.36 20.66
CA SER C 32 29.37 31.88 22.01
C SER C 32 28.08 31.62 22.79
N SER C 33 27.01 32.35 22.48
CA SER C 33 25.74 32.13 23.17
C SER C 33 25.18 30.75 22.87
N GLY C 34 25.27 30.32 21.62
CA GLY C 34 24.75 29.01 21.27
C GLY C 34 24.56 28.90 19.76
N VAL C 35 23.59 28.08 19.38
CA VAL C 35 23.29 27.78 17.98
C VAL C 35 22.00 28.49 17.61
N ASN C 36 22.00 29.17 16.47
CA ASN C 36 20.84 29.91 15.99
C ASN C 36 20.57 29.53 14.54
N LEU C 37 19.31 29.64 14.14
CA LEU C 37 18.91 29.25 12.79
C LEU C 37 17.61 29.97 12.45
N GLN C 38 17.67 30.90 11.51
CA GLN C 38 16.47 31.55 10.98
C GLN C 38 16.51 31.42 9.45
N SER C 39 15.47 30.82 8.88
CA SER C 39 15.45 30.59 7.45
C SER C 39 14.00 30.43 6.99
N MET C 40 13.51 31.39 6.22
CA MET C 40 12.18 31.28 5.63
C MET C 40 12.13 30.08 4.68
N ASP C 41 10.97 29.42 4.64
CA ASP C 41 10.86 28.19 3.89
C ASP C 41 10.97 28.43 2.39
N SER C 42 10.94 27.34 1.63
CA SER C 42 11.10 27.43 0.18
C SER C 42 9.94 28.18 -0.46
N SER C 43 8.71 27.92 -0.01
CA SER C 43 7.55 28.61 -0.57
C SER C 43 7.46 30.06 -0.12
N HIS C 44 8.30 30.47 0.82
CA HIS C 44 8.35 31.86 1.30
C HIS C 44 7.01 32.29 1.90
N VAL C 45 6.43 31.42 2.72
CA VAL C 45 5.20 31.68 3.43
C VAL C 45 5.39 31.58 4.94
N SER C 46 6.06 30.52 5.39
CA SER C 46 6.30 30.28 6.81
C SER C 46 7.76 30.53 7.15
N LEU C 47 7.99 30.86 8.42
CA LEU C 47 9.33 31.11 8.93
C LEU C 47 9.59 30.18 10.11
N VAL C 48 10.84 29.74 10.24
CA VAL C 48 11.24 28.82 11.29
C VAL C 48 12.43 29.42 12.04
N GLN C 49 12.34 29.42 13.36
CA GLN C 49 13.39 29.91 14.22
C GLN C 49 13.84 28.79 15.15
N LEU C 50 15.08 28.90 15.65
CA LEU C 50 15.63 27.87 16.50
C LEU C 50 16.72 28.48 17.37
N THR C 51 16.86 27.97 18.59
CA THR C 51 17.88 28.45 19.51
C THR C 51 18.27 27.33 20.44
N LEU C 52 19.57 27.10 20.59
CA LEU C 52 20.12 26.12 21.53
C LEU C 52 21.22 26.80 22.33
N ARG C 53 20.96 27.06 23.60
CA ARG C 53 21.91 27.77 24.43
C ARG C 53 23.16 26.93 24.66
N SER C 54 24.28 27.61 24.90
CA SER C 54 25.55 26.93 25.08
C SER C 54 25.57 26.08 26.34
N GLU C 55 24.84 26.49 27.37
CA GLU C 55 24.83 25.73 28.62
C GLU C 55 24.22 24.35 28.46
N GLY C 56 23.39 24.15 27.45
CA GLY C 56 22.77 22.84 27.25
C GLY C 56 23.76 21.76 26.87
N PHE C 57 24.69 22.09 25.98
CA PHE C 57 25.70 21.11 25.57
C PHE C 57 26.58 20.73 26.75
N ASP C 58 27.00 19.47 26.77
CA ASP C 58 27.92 19.02 27.82
C ASP C 58 29.26 19.72 27.70
N THR C 59 29.74 19.92 26.48
CA THR C 59 30.98 20.65 26.24
C THR C 59 30.79 21.54 25.02
N TYR C 60 31.25 22.78 25.12
CA TYR C 60 31.08 23.75 24.05
C TYR C 60 32.32 24.63 23.98
N ARG C 61 32.80 24.86 22.75
CA ARG C 61 33.95 25.73 22.51
C ARG C 61 33.77 26.36 21.13
N CYS C 62 33.57 27.67 21.10
CA CYS C 62 33.39 28.42 19.86
C CYS C 62 34.20 29.71 19.97
N ASP C 63 35.37 29.73 19.33
CA ASP C 63 36.24 30.90 19.42
C ASP C 63 35.70 32.07 18.62
N ARG C 64 35.25 31.82 17.40
CA ARG C 64 34.78 32.88 16.52
C ARG C 64 33.41 32.50 15.95
N ASN C 65 32.68 33.52 15.50
CA ASN C 65 31.37 33.30 14.89
C ASN C 65 31.55 32.80 13.46
N LEU C 66 30.78 31.77 13.10
CA LEU C 66 30.82 31.20 11.76
C LEU C 66 29.43 31.21 11.16
N ALA C 67 29.31 30.67 9.95
CA ALA C 67 28.02 30.51 9.29
C ALA C 67 28.12 29.29 8.39
N MET C 68 27.71 28.14 8.90
CA MET C 68 27.78 26.89 8.14
C MET C 68 26.49 26.72 7.35
N GLY C 69 26.57 26.94 6.05
CA GLY C 69 25.43 26.67 5.18
C GLY C 69 25.43 25.24 4.71
N VAL C 70 24.64 24.39 5.35
CA VAL C 70 24.66 22.96 5.10
C VAL C 70 23.31 22.52 4.55
N ASN C 71 23.33 21.41 3.82
CA ASN C 71 22.09 20.85 3.27
C ASN C 71 21.32 20.13 4.37
N LEU C 72 20.06 20.54 4.57
CA LEU C 72 19.27 19.96 5.65
C LEU C 72 18.86 18.52 5.33
N THR C 73 18.54 18.24 4.06
CA THR C 73 18.16 16.89 3.69
C THR C 73 19.30 15.90 3.90
N SER C 74 20.51 16.28 3.49
CA SER C 74 21.66 15.40 3.68
C SER C 74 21.99 15.24 5.16
N MET C 75 21.86 16.31 5.95
CA MET C 75 22.10 16.21 7.38
C MET C 75 21.10 15.26 8.03
N SER C 76 19.83 15.33 7.62
CA SER C 76 18.84 14.40 8.13
C SER C 76 19.16 12.98 7.72
N LYS C 77 19.61 12.78 6.48
CA LYS C 77 19.96 11.44 6.01
C LYS C 77 21.10 10.86 6.83
N ILE C 78 22.12 11.67 7.12
CA ILE C 78 23.23 11.19 7.93
C ILE C 78 22.78 10.91 9.36
N LEU C 79 22.00 11.83 9.94
CA LEU C 79 21.58 11.68 11.33
C LEU C 79 20.68 10.48 11.54
N LYS C 80 19.89 10.11 10.52
CA LYS C 80 19.03 8.94 10.65
C LYS C 80 19.83 7.67 10.87
N CYS C 81 21.07 7.63 10.37
CA CYS C 81 21.92 6.46 10.54
C CYS C 81 22.43 6.29 11.96
N ALA C 82 22.21 7.27 12.84
CA ALA C 82 22.66 7.19 14.21
C ALA C 82 21.58 6.62 15.11
N GLY C 83 22.01 5.93 16.16
CA GLY C 83 21.10 5.41 17.14
C GLY C 83 20.55 6.50 18.04
N ASN C 84 19.53 6.15 18.81
CA ASN C 84 18.85 7.12 19.67
C ASN C 84 19.54 7.34 21.00
N GLU C 85 20.62 6.60 21.28
CA GLU C 85 21.33 6.72 22.55
C GLU C 85 22.80 7.09 22.36
N ASP C 86 23.15 7.64 21.20
CA ASP C 86 24.52 7.98 20.91
C ASP C 86 24.90 9.32 21.56
N ILE C 87 26.19 9.64 21.48
CA ILE C 87 26.73 10.89 22.00
C ILE C 87 27.32 11.63 20.81
N ILE C 88 26.52 12.50 20.18
CA ILE C 88 26.97 13.22 19.01
C ILE C 88 28.00 14.26 19.40
N THR C 89 29.03 14.41 18.57
CA THR C 89 30.17 15.28 18.87
C THR C 89 30.47 16.12 17.62
N LEU C 90 29.47 16.90 17.20
CA LEU C 90 29.61 17.82 16.07
C LEU C 90 30.88 18.63 16.19
N ARG C 91 31.66 18.66 15.11
CA ARG C 91 32.93 19.37 15.10
C ARG C 91 33.18 19.95 13.72
N ALA C 92 33.89 21.07 13.70
CA ALA C 92 34.26 21.74 12.46
C ALA C 92 35.52 22.54 12.68
N GLU C 93 36.48 22.39 11.78
CA GLU C 93 37.73 23.12 11.89
C GLU C 93 37.51 24.60 11.62
N ASP C 94 38.43 25.43 12.14
CA ASP C 94 38.33 26.87 11.94
C ASP C 94 38.30 27.23 10.46
N ASN C 95 39.08 26.52 9.65
CA ASN C 95 38.96 26.64 8.20
C ASN C 95 37.69 25.94 7.77
N ALA C 96 36.62 26.71 7.57
CA ALA C 96 35.29 26.15 7.34
C ALA C 96 35.26 25.50 5.96
N ASP C 97 35.45 24.18 5.94
CA ASP C 97 35.34 23.40 4.71
C ASP C 97 34.54 22.12 4.85
N THR C 98 34.42 21.57 6.06
CA THR C 98 33.77 20.29 6.26
C THR C 98 33.11 20.27 7.62
N LEU C 99 32.12 19.39 7.77
CA LEU C 99 31.45 19.15 9.04
C LEU C 99 31.68 17.71 9.46
N ALA C 100 32.11 17.51 10.70
CA ALA C 100 32.47 16.19 11.21
C ALA C 100 31.48 15.76 12.28
N LEU C 101 31.06 14.50 12.22
CA LEU C 101 30.15 13.92 13.19
C LEU C 101 30.80 12.65 13.76
N VAL C 102 30.80 12.54 15.08
CA VAL C 102 31.65 11.58 15.78
C VAL C 102 30.75 10.68 16.63
N PHE C 103 29.60 10.31 16.05
CA PHE C 103 28.65 9.40 16.70
C PHE C 103 29.37 8.29 17.47
N GLU C 104 28.99 8.12 18.73
CA GLU C 104 29.58 7.11 19.60
C GLU C 104 28.50 6.12 20.05
N ALA C 105 28.88 5.24 20.97
CA ALA C 105 27.97 4.25 21.52
C ALA C 105 28.06 4.25 23.03
N PRO C 106 26.97 3.90 23.72
CA PRO C 106 27.02 3.89 25.20
C PRO C 106 28.01 2.90 25.78
N ASN C 107 28.36 1.85 25.05
CA ASN C 107 29.26 0.82 25.55
C ASN C 107 30.73 1.10 25.22
N GLN C 108 31.03 2.30 24.70
CA GLN C 108 32.34 2.66 24.16
C GLN C 108 33.02 1.48 23.46
N GLU C 109 32.29 0.80 22.58
CA GLU C 109 32.84 -0.30 21.81
C GLU C 109 32.75 -0.10 20.31
N LYS C 110 32.08 0.95 19.84
CA LYS C 110 31.90 1.18 18.42
C LYS C 110 31.66 2.67 18.20
N VAL C 111 32.58 3.32 17.48
CA VAL C 111 32.45 4.73 17.17
C VAL C 111 32.25 4.88 15.67
N SER C 112 31.63 5.99 15.28
CA SER C 112 31.37 6.28 13.89
C SER C 112 31.85 7.68 13.57
N ASP C 113 32.50 7.84 12.43
CA ASP C 113 33.01 9.12 11.97
C ASP C 113 32.40 9.42 10.61
N TYR C 114 31.95 10.67 10.43
CA TYR C 114 31.35 11.09 9.17
C TYR C 114 31.90 12.46 8.81
N GLU C 115 31.82 12.79 7.53
CA GLU C 115 32.24 14.10 7.03
C GLU C 115 31.17 14.64 6.09
N MET C 116 31.13 15.96 5.99
CA MET C 116 30.15 16.65 5.16
C MET C 116 30.81 17.76 4.35
N LYS C 117 30.16 18.10 3.25
CA LYS C 117 30.59 19.19 2.40
C LYS C 117 29.68 20.39 2.66
N LEU C 118 30.27 21.49 3.14
CA LEU C 118 29.52 22.69 3.40
C LEU C 118 29.29 23.47 2.10
N MET C 119 28.37 24.42 2.15
CA MET C 119 28.11 25.31 1.03
C MET C 119 28.12 26.75 1.52
N ASP C 120 28.36 27.67 0.58
CA ASP C 120 28.32 29.09 0.86
C ASP C 120 26.96 29.64 0.42
N LEU C 121 26.26 30.30 1.33
CA LEU C 121 24.93 30.80 1.08
C LEU C 121 24.86 32.28 1.45
N ASP C 122 23.93 32.99 0.83
CA ASP C 122 23.69 34.39 1.14
C ASP C 122 22.86 34.47 2.42
N VAL C 123 23.46 34.95 3.49
CA VAL C 123 22.80 35.01 4.79
C VAL C 123 21.86 36.20 4.82
N GLU C 124 20.59 35.97 4.50
CA GLU C 124 19.57 37.03 4.52
C GLU C 124 18.95 37.03 5.91
N GLN C 125 19.38 37.97 6.75
CA GLN C 125 18.92 38.05 8.13
C GLN C 125 17.64 38.89 8.17
N LEU C 126 16.58 38.33 8.73
CA LEU C 126 15.32 39.04 8.91
C LEU C 126 15.10 39.25 10.41
N GLY C 127 14.92 40.50 10.81
CA GLY C 127 14.73 40.82 12.20
C GLY C 127 13.27 40.76 12.63
N ILE C 128 12.89 39.64 13.24
CA ILE C 128 11.51 39.48 13.71
C ILE C 128 11.27 40.42 14.88
N PRO C 129 10.09 41.02 15.00
CA PRO C 129 9.82 41.92 16.13
C PRO C 129 9.22 41.19 17.32
N GLU C 130 9.26 41.86 18.47
CA GLU C 130 8.72 41.34 19.71
C GLU C 130 7.43 42.09 20.02
N GLN C 131 6.30 41.39 19.92
CA GLN C 131 4.99 41.98 20.14
C GLN C 131 4.20 41.13 21.11
N GLU C 132 3.25 41.76 21.79
CA GLU C 132 2.31 41.04 22.63
C GLU C 132 1.23 40.40 21.76
N TYR C 133 0.46 39.50 22.37
CA TYR C 133 -0.56 38.75 21.66
C TYR C 133 -1.86 38.77 22.44
N SER C 134 -2.98 38.64 21.72
CA SER C 134 -4.29 38.72 22.35
C SER C 134 -4.68 37.39 22.97
N CYS C 135 -4.82 36.35 22.16
CA CYS C 135 -5.21 35.03 22.62
C CYS C 135 -3.97 34.15 22.66
N VAL C 136 -3.66 33.61 23.83
CA VAL C 136 -2.54 32.70 24.03
C VAL C 136 -3.07 31.40 24.59
N VAL C 137 -2.74 30.29 23.94
CA VAL C 137 -3.24 28.97 24.30
C VAL C 137 -2.07 28.01 24.45
N LYS C 138 -2.03 27.30 25.57
CA LYS C 138 -1.08 26.23 25.78
C LYS C 138 -1.85 24.95 26.04
N MET C 139 -1.46 23.87 25.36
CA MET C 139 -2.22 22.63 25.38
C MET C 139 -1.32 21.50 24.90
N PRO C 140 -1.67 20.26 25.21
CA PRO C 140 -0.77 19.13 24.85
C PRO C 140 -0.53 19.05 23.35
N SER C 141 0.70 18.68 22.99
CA SER C 141 1.07 18.59 21.58
C SER C 141 0.32 17.48 20.88
N GLY C 142 0.09 16.36 21.56
CA GLY C 142 -0.62 15.26 20.94
C GLY C 142 -2.02 15.65 20.50
N GLU C 143 -2.72 16.44 21.32
CA GLU C 143 -4.05 16.91 20.96
C GLU C 143 -4.00 17.78 19.71
N PHE C 144 -3.00 18.68 19.63
CA PHE C 144 -2.88 19.53 18.45
C PHE C 144 -2.62 18.71 17.20
N ALA C 145 -1.71 17.75 17.29
CA ALA C 145 -1.41 16.91 16.14
C ALA C 145 -2.63 16.12 15.70
N ARG C 146 -3.36 15.55 16.66
CA ARG C 146 -4.56 14.78 16.33
C ARG C 146 -5.62 15.68 15.69
N ILE C 147 -5.79 16.89 16.22
CA ILE C 147 -6.80 17.80 15.67
C ILE C 147 -6.45 18.17 14.23
N CYS C 148 -5.18 18.52 13.98
CA CYS C 148 -4.79 18.87 12.63
C CYS C 148 -4.95 17.70 11.67
N ARG C 149 -4.52 16.51 12.10
CA ARG C 149 -4.66 15.33 11.24
C ARG C 149 -6.11 15.02 10.94
N ASP C 150 -6.98 15.14 11.94
CA ASP C 150 -8.40 14.87 11.72
C ASP C 150 -9.01 15.89 10.77
N LEU C 151 -8.67 17.17 10.94
CA LEU C 151 -9.26 18.20 10.09
C LEU C 151 -8.71 18.12 8.66
N SER C 152 -7.51 17.56 8.48
CA SER C 152 -6.97 17.44 7.14
C SER C 152 -7.80 16.51 6.25
N HIS C 153 -8.64 15.67 6.84
CA HIS C 153 -9.47 14.76 6.06
C HIS C 153 -10.75 15.42 5.53
N ILE C 154 -11.02 16.67 5.90
CA ILE C 154 -12.26 17.35 5.53
C ILE C 154 -11.99 18.50 4.57
N GLY C 155 -11.21 19.48 5.00
CA GLY C 155 -10.93 20.64 4.16
C GLY C 155 -9.51 21.12 4.27
N ASP C 156 -9.24 22.33 3.80
CA ASP C 156 -7.92 22.94 3.87
C ASP C 156 -8.02 24.38 4.37
N ALA C 157 -8.89 24.61 5.35
CA ALA C 157 -9.09 25.96 5.88
C ALA C 157 -9.55 25.82 7.33
N VAL C 158 -8.63 26.01 8.26
CA VAL C 158 -8.94 25.99 9.69
C VAL C 158 -9.29 27.41 10.12
N VAL C 159 -10.39 27.56 10.84
CA VAL C 159 -10.83 28.86 11.35
C VAL C 159 -10.78 28.76 12.86
N ILE C 160 -9.66 29.17 13.44
CA ILE C 160 -9.50 29.16 14.89
C ILE C 160 -10.25 30.33 15.49
N SER C 161 -10.86 30.11 16.65
CA SER C 161 -11.57 31.18 17.36
C SER C 161 -11.62 30.79 18.82
N CYS C 162 -10.92 31.55 19.66
CA CYS C 162 -10.88 31.25 21.09
C CYS C 162 -12.26 31.53 21.67
N ALA C 163 -13.04 30.47 21.91
CA ALA C 163 -14.41 30.60 22.33
C ALA C 163 -14.47 30.82 23.85
N LYS C 164 -15.67 30.71 24.42
CA LYS C 164 -15.85 31.00 25.83
C LYS C 164 -15.06 30.03 26.72
N ASP C 165 -15.08 28.75 26.38
CA ASP C 165 -14.46 27.72 27.22
C ASP C 165 -13.42 26.91 26.46
N GLY C 166 -12.81 27.49 25.43
CA GLY C 166 -11.75 26.81 24.73
C GLY C 166 -11.70 27.24 23.27
N VAL C 167 -10.94 26.48 22.51
CA VAL C 167 -10.74 26.78 21.10
C VAL C 167 -11.89 26.20 20.29
N LYS C 168 -12.03 26.66 19.05
CA LYS C 168 -13.15 26.29 18.20
C LYS C 168 -12.67 25.99 16.78
N PHE C 169 -11.66 25.13 16.66
CA PHE C 169 -11.17 24.70 15.35
C PHE C 169 -12.33 24.30 14.44
N SER C 170 -12.39 24.91 13.27
CA SER C 170 -13.52 24.72 12.35
C SER C 170 -12.99 24.63 10.93
N ALA C 171 -13.18 23.48 10.30
CA ALA C 171 -12.89 23.30 8.89
C ALA C 171 -14.18 23.32 8.08
N SER C 172 -14.04 23.49 6.77
CA SER C 172 -15.20 23.50 5.88
C SER C 172 -14.74 23.10 4.49
N GLY C 173 -14.97 21.84 4.13
CA GLY C 173 -14.67 21.33 2.81
C GLY C 173 -15.92 21.02 2.01
N GLU C 174 -15.70 20.35 0.88
CA GLU C 174 -16.83 19.92 0.06
C GLU C 174 -17.61 18.80 0.71
N LEU C 175 -16.94 17.95 1.49
CA LEU C 175 -17.61 16.83 2.13
C LEU C 175 -18.51 17.30 3.26
N GLY C 176 -18.07 18.28 4.03
CA GLY C 176 -18.85 18.76 5.15
C GLY C 176 -18.04 19.76 5.97
N ASN C 177 -18.53 20.06 7.16
CA ASN C 177 -17.87 20.99 8.06
C ASN C 177 -17.76 20.35 9.44
N GLY C 178 -16.56 20.35 10.01
CA GLY C 178 -16.34 19.75 11.30
C GLY C 178 -15.87 20.74 12.35
N ASN C 179 -16.60 20.85 13.45
CA ASN C 179 -16.26 21.74 14.54
C ASN C 179 -15.70 20.93 15.70
N ILE C 180 -14.54 21.33 16.20
CA ILE C 180 -13.89 20.67 17.32
C ILE C 180 -13.68 21.71 18.42
N LYS C 181 -14.12 21.39 19.63
CA LYS C 181 -14.02 22.30 20.76
C LYS C 181 -13.28 21.61 21.90
N LEU C 182 -12.31 22.31 22.49
CA LEU C 182 -11.56 21.81 23.63
C LEU C 182 -12.05 22.49 24.90
N SER C 183 -12.33 21.69 25.92
CA SER C 183 -12.82 22.23 27.18
C SER C 183 -11.65 22.71 28.02
N GLN C 184 -11.65 24.00 28.38
CA GLN C 184 -10.57 24.58 29.16
C GLN C 184 -10.59 23.99 30.56
N THR C 185 -9.49 23.34 30.95
CA THR C 185 -9.35 22.76 32.27
C THR C 185 -7.99 23.11 32.85
N SER C 186 -7.97 23.52 34.12
CA SER C 186 -6.73 23.89 34.78
C SER C 186 -6.58 23.26 36.17
N ASN C 187 -7.62 22.64 36.72
CA ASN C 187 -7.53 22.01 38.03
C ASN C 187 -6.62 20.79 38.04
N VAL C 188 -6.27 20.25 36.87
CA VAL C 188 -5.42 19.08 36.81
C VAL C 188 -4.03 19.43 37.30
N ASP C 189 -3.51 18.62 38.24
CA ASP C 189 -2.17 18.86 38.76
C ASP C 189 -1.11 18.69 37.68
N LYS C 190 -1.27 17.69 36.82
CA LYS C 190 -0.35 17.46 35.72
C LYS C 190 -0.52 18.57 34.70
N GLU C 191 0.43 19.51 34.67
CA GLU C 191 0.35 20.63 33.74
C GLU C 191 0.50 20.19 32.29
N GLU C 192 1.13 19.03 32.04
CA GLU C 192 1.22 18.53 30.68
C GLU C 192 -0.15 18.22 30.11
N GLU C 193 -1.03 17.60 30.90
CA GLU C 193 -2.38 17.29 30.48
C GLU C 193 -3.37 18.39 30.88
N ALA C 194 -3.05 19.62 30.50
CA ALA C 194 -3.90 20.77 30.83
C ALA C 194 -3.93 21.73 29.65
N VAL C 195 -5.05 22.43 29.51
CA VAL C 195 -5.21 23.45 28.49
C VAL C 195 -5.57 24.75 29.21
N THR C 196 -4.77 25.80 28.97
CA THR C 196 -4.96 27.08 29.61
C THR C 196 -5.02 28.16 28.55
N ILE C 197 -6.08 28.98 28.60
CA ILE C 197 -6.30 30.06 27.64
C ILE C 197 -6.37 31.37 28.39
N GLU C 198 -5.63 32.37 27.90
CA GLU C 198 -5.63 33.70 28.49
C GLU C 198 -6.11 34.69 27.43
N MET C 199 -7.19 35.41 27.74
CA MET C 199 -7.81 36.35 26.81
C MET C 199 -7.48 37.79 27.16
N ASN C 200 -7.22 38.58 26.13
CA ASN C 200 -7.20 40.03 26.21
C ASN C 200 -8.23 40.67 25.31
N GLU C 201 -8.59 40.03 24.19
CA GLU C 201 -9.59 40.50 23.26
C GLU C 201 -9.98 39.34 22.36
N PRO C 202 -11.21 39.32 21.85
CA PRO C 202 -11.61 38.22 20.96
C PRO C 202 -10.87 38.30 19.63
N VAL C 203 -10.70 37.13 19.00
CA VAL C 203 -9.95 37.04 17.75
C VAL C 203 -10.48 35.85 16.97
N GLN C 204 -10.47 35.97 15.65
CA GLN C 204 -10.85 34.89 14.75
C GLN C 204 -9.98 34.98 13.50
N LEU C 205 -9.30 33.88 13.17
CA LEU C 205 -8.31 33.86 12.10
C LEU C 205 -8.56 32.68 11.18
N THR C 206 -7.70 32.54 10.17
CA THR C 206 -7.77 31.45 9.22
C THR C 206 -6.35 31.05 8.82
N PHE C 207 -6.15 29.76 8.55
CA PHE C 207 -4.82 29.26 8.23
C PHE C 207 -4.95 28.10 7.25
N ALA C 208 -3.79 27.67 6.75
CA ALA C 208 -3.73 26.57 5.78
C ALA C 208 -3.36 25.29 6.52
N LEU C 209 -4.09 24.21 6.22
CA LEU C 209 -3.90 22.96 6.94
C LEU C 209 -2.59 22.27 6.58
N ARG C 210 -2.12 22.42 5.34
CA ARG C 210 -0.87 21.79 4.95
C ARG C 210 0.28 22.29 5.79
N TYR C 211 0.33 23.60 6.03
CA TYR C 211 1.42 24.16 6.82
C TYR C 211 1.32 23.72 8.28
N LEU C 212 0.09 23.61 8.81
CA LEU C 212 -0.05 23.13 10.18
C LEU C 212 0.40 21.69 10.32
N ASN C 213 0.07 20.85 9.32
CA ASN C 213 0.52 19.47 9.34
C ASN C 213 2.05 19.40 9.25
N PHE C 214 2.65 20.28 8.44
CA PHE C 214 4.11 20.35 8.40
C PHE C 214 4.67 20.77 9.75
N PHE C 215 4.02 21.73 10.41
CA PHE C 215 4.50 22.22 11.70
C PHE C 215 4.46 21.12 12.75
N THR C 216 3.40 20.33 12.76
CA THR C 216 3.21 19.33 13.81
C THR C 216 4.22 18.18 13.74
N LYS C 217 5.21 18.18 12.86
CA LYS C 217 6.18 17.09 12.83
C LYS C 217 7.13 17.11 14.04
N ALA C 218 7.15 18.19 14.81
CA ALA C 218 8.02 18.31 15.97
C ALA C 218 7.33 17.88 17.26
N THR C 219 6.36 16.98 17.18
CA THR C 219 5.64 16.54 18.38
C THR C 219 6.55 15.89 19.43
N PRO C 220 7.44 14.95 19.09
CA PRO C 220 8.23 14.30 20.15
C PRO C 220 9.15 15.23 20.91
N LEU C 221 9.43 16.43 20.39
CA LEU C 221 10.35 17.34 21.07
C LEU C 221 9.83 17.74 22.45
N SER C 222 8.54 18.04 22.55
CA SER C 222 7.96 18.43 23.83
C SER C 222 6.49 18.06 23.85
N SER C 223 5.93 17.98 25.06
CA SER C 223 4.54 17.58 25.22
C SER C 223 3.58 18.76 25.12
N THR C 224 4.01 19.95 25.49
CA THR C 224 3.14 21.13 25.52
C THR C 224 3.51 22.07 24.40
N VAL C 225 2.51 22.52 23.64
CA VAL C 225 2.69 23.45 22.55
C VAL C 225 1.92 24.73 22.86
N THR C 226 2.56 25.87 22.68
CA THR C 226 1.96 27.16 22.98
C THR C 226 1.61 27.88 21.68
N LEU C 227 0.37 28.36 21.60
CA LEU C 227 -0.11 29.10 20.44
C LEU C 227 -0.39 30.54 20.86
N SER C 228 0.09 31.50 20.06
CA SER C 228 -0.15 32.91 20.30
C SER C 228 -0.51 33.57 18.98
N MET C 229 -1.50 34.46 19.02
CA MET C 229 -1.95 35.12 17.80
C MET C 229 -2.67 36.41 18.16
N SER C 230 -2.83 37.26 17.15
CA SER C 230 -3.52 38.54 17.30
C SER C 230 -4.10 38.91 15.94
N ALA C 231 -4.56 40.15 15.82
CA ALA C 231 -5.17 40.63 14.59
C ALA C 231 -4.08 40.98 13.57
N ASP C 232 -4.14 40.35 12.40
CA ASP C 232 -3.21 40.61 11.30
C ASP C 232 -1.76 40.41 11.75
N VAL C 233 -1.54 39.39 12.56
CA VAL C 233 -0.20 39.04 13.04
C VAL C 233 -0.01 37.54 12.82
N PRO C 234 1.14 37.10 12.33
CA PRO C 234 1.33 35.67 12.06
C PRO C 234 1.18 34.83 13.33
N LEU C 235 0.62 33.64 13.17
CA LEU C 235 0.47 32.72 14.28
C LEU C 235 1.83 32.22 14.73
N VAL C 236 1.99 32.08 16.04
CA VAL C 236 3.25 31.63 16.64
C VAL C 236 3.01 30.27 17.29
N VAL C 237 3.76 29.26 16.85
CA VAL C 237 3.71 27.92 17.41
C VAL C 237 5.08 27.63 17.99
N GLU C 238 5.15 27.47 19.31
CA GLU C 238 6.42 27.38 20.01
C GLU C 238 6.54 26.03 20.71
N TYR C 239 7.68 25.38 20.52
CA TYR C 239 8.01 24.13 21.20
C TYR C 239 9.24 24.36 22.06
N LYS C 240 9.18 23.91 23.32
CA LYS C 240 10.30 24.05 24.24
C LYS C 240 11.24 22.86 24.08
N ILE C 241 12.51 23.15 23.80
CA ILE C 241 13.50 22.08 23.57
C ILE C 241 14.09 21.75 24.93
N ALA C 242 13.39 20.88 25.66
CA ALA C 242 13.78 20.47 27.00
C ALA C 242 14.15 21.67 27.87
N ASP C 243 15.41 21.73 28.29
CA ASP C 243 15.94 22.88 29.01
C ASP C 243 17.01 23.61 28.20
N MET C 244 17.21 23.25 26.94
CA MET C 244 18.27 23.83 26.12
C MET C 244 17.81 25.11 25.43
N GLY C 245 16.67 25.07 24.75
CA GLY C 245 16.17 26.22 24.04
C GLY C 245 14.73 26.06 23.58
N HIS C 246 14.39 26.69 22.47
CA HIS C 246 13.03 26.64 21.95
C HIS C 246 13.06 26.63 20.44
N LEU C 247 11.96 26.16 19.84
CA LEU C 247 11.83 26.03 18.41
C LEU C 247 10.51 26.65 17.98
N LYS C 248 10.57 27.84 17.39
CA LYS C 248 9.37 28.60 17.04
C LYS C 248 9.03 28.41 15.57
N TYR C 249 7.73 28.31 15.29
CA TYR C 249 7.22 28.24 13.92
C TYR C 249 6.31 29.43 13.69
N TYR C 250 6.43 30.06 12.53
CA TYR C 250 5.62 31.22 12.18
C TYR C 250 4.77 30.90 10.96
N LEU C 251 3.62 31.56 10.86
CA LEU C 251 2.73 31.36 9.72
C LEU C 251 1.82 32.57 9.60
N ALA C 252 1.87 33.25 8.46
CA ALA C 252 0.98 34.38 8.24
C ALA C 252 -0.44 33.90 8.01
N PRO C 253 -1.43 34.55 8.61
CA PRO C 253 -2.82 34.11 8.44
C PRO C 253 -3.29 34.28 7.00
N LYS C 254 -4.21 33.41 6.60
CA LYS C 254 -4.79 33.50 5.27
C LYS C 254 -5.58 34.80 5.13
N ILE C 255 -5.59 35.33 3.91
CA ILE C 255 -6.34 36.55 3.61
C ILE C 255 -7.76 36.15 3.24
N GLU C 256 -8.73 36.56 4.06
CA GLU C 256 -10.12 36.21 3.83
C GLU C 256 -10.66 37.02 2.65
N ASP C 257 -10.92 36.34 1.55
CA ASP C 257 -11.44 37.01 0.37
C ASP C 257 -12.90 37.41 0.57
N GLU C 258 -13.37 38.32 -0.29
CA GLU C 258 -14.76 38.79 -0.23
C GLU C 258 -15.70 37.77 -0.87
N GLU C 259 -15.72 36.57 -0.28
CA GLU C 259 -16.55 35.49 -0.79
C GLU C 259 -18.02 35.70 -0.46
N GLY C 260 -18.33 36.45 0.59
CA GLY C 260 -19.73 36.71 0.93
C GLY C 260 -20.45 37.52 -0.12
N SER C 261 -19.74 38.47 -0.74
CA SER C 261 -20.34 39.31 -1.78
C SER C 261 -20.61 38.52 -3.04
N HIS D 1 -12.18 22.98 -54.33
CA HIS D 1 -12.38 21.63 -53.82
C HIS D 1 -11.09 21.12 -53.18
N PRO D 2 -11.19 20.49 -52.01
CA PRO D 2 -10.00 19.96 -51.36
C PRO D 2 -9.38 18.83 -52.16
N TYR D 3 -8.05 18.72 -52.07
CA TYR D 3 -7.28 17.93 -53.02
C TYR D 3 -7.79 16.49 -53.11
N TYR D 4 -8.14 15.89 -51.97
CA TYR D 4 -8.51 14.48 -51.97
C TYR D 4 -9.84 14.26 -52.68
N LEU D 5 -10.63 15.31 -52.83
CA LEU D 5 -12.00 15.16 -53.34
C LEU D 5 -12.04 15.05 -54.85
N ARG D 6 -11.35 15.95 -55.56
CA ARG D 6 -11.42 15.91 -57.03
C ARG D 6 -10.87 14.59 -57.55
N SER D 7 -9.76 14.13 -57.00
CA SER D 7 -9.24 12.81 -57.40
C SER D 7 -10.24 11.71 -57.05
N PHE D 8 -10.98 11.90 -55.96
CA PHE D 8 -12.03 10.96 -55.60
C PHE D 8 -13.18 11.03 -56.62
N LEU D 9 -13.59 12.25 -56.98
CA LEU D 9 -14.66 12.41 -57.96
C LEU D 9 -14.26 11.86 -59.33
N VAL D 10 -12.96 11.88 -59.64
CA VAL D 10 -12.50 11.31 -60.91
C VAL D 10 -12.86 9.83 -60.99
N VAL D 11 -12.71 9.11 -59.87
CA VAL D 11 -12.97 7.68 -59.87
C VAL D 11 -14.42 7.39 -60.27
N LEU D 12 -15.36 8.14 -59.68
CA LEU D 12 -16.77 7.91 -59.99
C LEU D 12 -17.10 8.35 -61.41
N LYS D 13 -16.43 9.41 -61.89
CA LYS D 13 -16.79 9.97 -63.20
C LYS D 13 -16.50 9.00 -64.33
N THR D 14 -15.28 8.46 -64.37
CA THR D 14 -14.92 7.54 -65.46
C THR D 14 -15.68 6.22 -65.35
N VAL D 15 -15.90 5.74 -64.12
CA VAL D 15 -16.63 4.49 -63.95
C VAL D 15 -18.07 4.63 -64.43
N LEU D 16 -18.71 5.75 -64.10
CA LEU D 16 -20.05 6.01 -64.61
C LEU D 16 -20.07 6.30 -66.10
N GLU D 17 -18.90 6.50 -66.72
CA GLU D 17 -18.84 6.76 -68.16
C GLU D 17 -18.89 5.45 -68.95
N ASN D 18 -18.00 4.52 -68.64
CA ASN D 18 -17.96 3.24 -69.34
C ASN D 18 -19.23 2.45 -69.02
N GLU D 19 -19.84 1.86 -70.06
CA GLU D 19 -21.12 1.21 -69.90
C GLU D 19 -21.00 -0.18 -69.28
N ASP D 20 -19.82 -0.78 -69.28
CA ASP D 20 -19.65 -2.13 -68.75
C ASP D 20 -19.57 -2.16 -67.22
N ASP D 21 -19.32 -1.01 -66.59
CA ASP D 21 -19.11 -1.00 -65.15
C ASP D 21 -20.40 -1.24 -64.38
N MET D 22 -21.48 -0.58 -64.77
CA MET D 22 -22.74 -0.75 -64.06
C MET D 22 -23.41 -2.09 -64.35
N LEU D 23 -22.93 -2.84 -65.34
CA LEU D 23 -23.54 -4.12 -65.65
C LEU D 23 -23.37 -5.14 -64.53
N LEU D 24 -22.35 -4.97 -63.69
CA LEU D 24 -22.14 -5.83 -62.54
C LEU D 24 -22.78 -5.30 -61.27
N PHE D 25 -23.46 -4.14 -61.35
CA PHE D 25 -24.11 -3.53 -60.21
C PHE D 25 -25.62 -3.48 -60.45
N ASP D 26 -26.38 -3.80 -59.41
CA ASP D 26 -27.83 -3.82 -59.51
C ASP D 26 -28.41 -2.42 -59.34
N GLU D 27 -29.74 -2.34 -59.30
CA GLU D 27 -30.41 -1.03 -59.27
C GLU D 27 -30.11 -0.28 -57.98
N GLN D 28 -30.09 -0.95 -56.83
CA GLN D 28 -29.85 -0.25 -55.58
C GLN D 28 -28.38 0.12 -55.44
N GLU D 29 -27.49 -0.64 -56.09
CA GLU D 29 -26.08 -0.27 -56.10
C GLU D 29 -25.84 0.99 -56.91
N LYS D 30 -26.67 1.25 -57.93
CA LYS D 30 -26.61 2.52 -58.63
C LYS D 30 -27.35 3.62 -57.88
N GLY D 31 -28.29 3.25 -57.01
CA GLY D 31 -29.01 4.26 -56.25
C GLY D 31 -28.24 4.81 -55.07
N ILE D 32 -27.36 4.00 -54.47
CA ILE D 32 -26.63 4.47 -53.30
C ILE D 32 -25.60 5.53 -53.69
N VAL D 33 -24.90 5.31 -54.80
CA VAL D 33 -23.98 6.34 -55.30
C VAL D 33 -24.76 7.59 -55.70
N THR D 34 -26.00 7.42 -56.17
CA THR D 34 -26.83 8.58 -56.46
C THR D 34 -27.09 9.40 -55.20
N LYS D 35 -27.36 8.72 -54.07
CA LYS D 35 -27.55 9.45 -52.82
C LYS D 35 -26.29 10.19 -52.40
N PHE D 36 -25.11 9.66 -52.76
CA PHE D 36 -23.87 10.38 -52.50
C PHE D 36 -23.88 11.72 -53.22
N TYR D 37 -24.29 11.72 -54.50
CA TYR D 37 -24.28 12.95 -55.28
C TYR D 37 -25.22 14.01 -54.71
N GLN D 38 -26.41 13.62 -54.28
CA GLN D 38 -27.35 14.60 -53.73
C GLN D 38 -26.95 15.10 -52.35
N LEU D 39 -25.95 14.50 -51.72
CA LEU D 39 -25.42 15.07 -50.49
C LEU D 39 -24.78 16.42 -50.76
N SER D 40 -24.80 17.28 -49.75
CA SER D 40 -24.18 18.59 -49.88
C SER D 40 -22.67 18.45 -49.91
N ALA D 41 -21.99 19.55 -50.29
CA ALA D 41 -20.54 19.55 -50.31
C ALA D 41 -19.97 19.26 -48.94
N THR D 42 -20.59 19.80 -47.89
CA THR D 42 -20.17 19.48 -46.53
C THR D 42 -20.39 18.00 -46.22
N GLY D 43 -21.54 17.46 -46.63
CA GLY D 43 -21.81 16.05 -46.38
C GLY D 43 -20.90 15.12 -47.17
N GLN D 44 -20.65 15.46 -48.44
CA GLN D 44 -19.85 14.60 -49.29
C GLN D 44 -18.40 14.50 -48.81
N LYS D 45 -17.83 15.61 -48.33
CA LYS D 45 -16.43 15.59 -47.91
C LYS D 45 -16.23 14.77 -46.65
N LEU D 46 -17.24 14.74 -45.77
CA LEU D 46 -17.10 13.99 -44.52
C LEU D 46 -16.95 12.50 -44.79
N TYR D 47 -17.73 11.96 -45.74
CA TYR D 47 -17.64 10.54 -46.05
C TYR D 47 -16.31 10.20 -46.70
N VAL D 48 -15.62 11.20 -47.26
CA VAL D 48 -14.34 10.95 -47.93
C VAL D 48 -13.29 10.55 -46.91
N ARG D 49 -13.19 11.28 -45.80
CA ARG D 49 -12.13 11.03 -44.83
C ARG D 49 -12.28 9.68 -44.15
N LEU D 50 -13.50 9.37 -43.68
CA LEU D 50 -13.69 8.13 -42.94
C LEU D 50 -13.51 6.90 -43.82
N PHE D 51 -13.63 7.07 -45.13
CA PHE D 51 -13.37 5.97 -46.05
C PHE D 51 -11.92 5.51 -46.00
N GLN D 52 -10.98 6.43 -45.87
CA GLN D 52 -9.56 6.10 -45.88
C GLN D 52 -9.04 5.64 -44.52
N ARG D 53 -9.85 5.75 -43.47
CA ARG D 53 -9.47 5.29 -42.15
C ARG D 53 -9.97 3.86 -41.93
N LYS D 54 -9.37 3.19 -40.95
CA LYS D 54 -9.73 1.82 -40.65
C LYS D 54 -11.17 1.75 -40.16
N LEU D 55 -11.84 0.63 -40.46
CA LEU D 55 -13.25 0.45 -40.14
C LEU D 55 -13.36 0.09 -38.66
N SER D 56 -13.60 1.09 -37.83
CA SER D 56 -13.74 0.89 -36.39
C SER D 56 -14.51 2.07 -35.80
N TRP D 57 -15.00 1.86 -34.59
CA TRP D 57 -15.69 2.93 -33.87
C TRP D 57 -14.70 4.03 -33.50
N ILE D 58 -15.15 5.27 -33.60
CA ILE D 58 -14.32 6.43 -33.33
C ILE D 58 -15.11 7.41 -32.46
N LYS D 59 -14.49 7.88 -31.38
CA LYS D 59 -15.15 8.80 -30.47
C LYS D 59 -15.43 10.13 -31.16
N MET D 60 -16.55 10.75 -30.80
CA MET D 60 -16.91 12.05 -31.38
C MET D 60 -15.92 13.14 -31.00
N THR D 61 -15.30 13.03 -29.82
CA THR D 61 -14.35 14.04 -29.39
C THR D 61 -13.02 13.95 -30.13
N LYS D 62 -12.81 12.92 -30.92
CA LYS D 62 -11.52 12.67 -31.55
C LYS D 62 -11.45 13.11 -33.02
N LEU D 63 -12.52 13.68 -33.57
CA LEU D 63 -12.48 14.22 -34.91
C LEU D 63 -12.35 15.74 -34.82
N GLU D 64 -11.27 16.27 -35.40
CA GLU D 64 -11.01 17.71 -35.46
C GLU D 64 -10.73 18.05 -36.91
N TYR D 65 -11.79 18.31 -37.67
CA TYR D 65 -11.70 18.63 -39.09
C TYR D 65 -12.17 20.07 -39.27
N GLU D 66 -11.24 21.02 -39.07
CA GLU D 66 -11.58 22.43 -39.18
C GLU D 66 -11.74 22.86 -40.63
N GLU D 67 -11.16 22.10 -41.56
CA GLU D 67 -11.22 22.47 -42.97
C GLU D 67 -12.62 22.30 -43.56
N ILE D 68 -13.48 21.53 -42.92
CA ILE D 68 -14.82 21.28 -43.47
C ILE D 68 -15.86 21.99 -42.62
N ALA D 69 -15.80 21.84 -41.30
CA ALA D 69 -16.76 22.46 -40.41
C ALA D 69 -16.22 22.39 -38.98
N LEU D 70 -16.33 23.51 -38.26
CA LEU D 70 -15.92 23.53 -36.86
C LEU D 70 -16.81 22.62 -36.02
N ASP D 71 -18.11 22.64 -36.27
CA ASP D 71 -19.07 21.78 -35.58
C ASP D 71 -19.59 20.77 -36.59
N LEU D 72 -19.23 19.50 -36.39
CA LEU D 72 -19.58 18.44 -37.33
C LEU D 72 -20.89 17.77 -37.02
N THR D 73 -21.49 18.03 -35.85
CA THR D 73 -22.71 17.33 -35.47
C THR D 73 -23.85 17.51 -36.46
N PRO D 74 -24.12 18.70 -37.02
CA PRO D 74 -25.17 18.77 -38.05
C PRO D 74 -24.85 17.91 -39.27
N VAL D 75 -23.57 17.81 -39.63
CA VAL D 75 -23.19 17.02 -40.79
C VAL D 75 -23.40 15.53 -40.53
N ILE D 76 -23.07 15.07 -39.31
CA ILE D 76 -23.21 13.65 -38.99
C ILE D 76 -24.66 13.21 -39.11
N GLU D 77 -25.59 14.04 -38.65
CA GLU D 77 -27.00 13.72 -38.79
C GLU D 77 -27.39 13.58 -40.26
N GLU D 78 -26.78 14.37 -41.14
CA GLU D 78 -27.07 14.26 -42.56
C GLU D 78 -26.71 12.88 -43.11
N LEU D 79 -25.54 12.37 -42.72
CA LEU D 79 -25.19 11.00 -43.10
C LEU D 79 -25.93 9.96 -42.28
N THR D 80 -26.34 10.31 -41.05
CA THR D 80 -27.00 9.33 -40.20
C THR D 80 -28.34 8.89 -40.78
N ASN D 81 -29.15 9.85 -41.22
CA ASN D 81 -30.45 9.48 -41.77
C ASN D 81 -30.32 8.82 -43.14
N ALA D 82 -29.29 9.21 -43.91
CA ALA D 82 -29.10 8.62 -45.23
C ALA D 82 -28.64 7.17 -45.18
N GLY D 83 -28.24 6.67 -44.02
CA GLY D 83 -27.78 5.31 -43.88
C GLY D 83 -26.30 5.11 -44.10
N PHE D 84 -25.57 6.14 -44.51
CA PHE D 84 -24.13 6.01 -44.68
C PHE D 84 -23.39 5.87 -43.35
N LEU D 85 -23.98 6.37 -42.27
CA LEU D 85 -23.35 6.31 -40.95
C LEU D 85 -24.33 5.71 -39.95
N GLN D 86 -23.77 5.12 -38.91
CA GLN D 86 -24.56 4.63 -37.78
C GLN D 86 -23.95 5.13 -36.49
N THR D 87 -24.81 5.43 -35.52
CA THR D 87 -24.39 6.01 -34.26
C THR D 87 -24.33 4.92 -33.18
N GLU D 88 -24.01 5.33 -31.96
CA GLU D 88 -23.83 4.40 -30.85
C GLU D 88 -25.09 3.65 -30.47
N SER D 89 -26.26 4.10 -30.95
CA SER D 89 -27.50 3.42 -30.61
C SER D 89 -27.49 1.96 -31.05
N GLU D 90 -26.76 1.63 -32.10
CA GLU D 90 -26.64 0.26 -32.57
C GLU D 90 -25.44 -0.47 -31.98
N LEU D 91 -24.69 0.18 -31.10
CA LEU D 91 -23.50 -0.43 -30.49
C LEU D 91 -23.95 -1.31 -29.34
N GLN D 92 -24.15 -2.60 -29.62
CA GLN D 92 -24.64 -3.55 -28.62
C GLN D 92 -23.61 -4.60 -28.21
N GLU D 93 -22.54 -4.79 -28.98
CA GLU D 93 -21.58 -5.85 -28.70
C GLU D 93 -20.60 -5.37 -27.63
N LEU D 94 -20.40 -6.20 -26.61
CA LEU D 94 -19.54 -5.82 -25.49
C LEU D 94 -18.10 -5.66 -25.95
N SER D 95 -17.62 -6.54 -26.82
CA SER D 95 -16.22 -6.50 -27.23
C SER D 95 -15.89 -5.20 -27.96
N GLU D 96 -16.82 -4.72 -28.79
CA GLU D 96 -16.58 -3.49 -29.54
C GLU D 96 -16.43 -2.29 -28.60
N VAL D 97 -17.25 -2.22 -27.56
CA VAL D 97 -17.17 -1.10 -26.63
C VAL D 97 -15.87 -1.11 -25.85
N LEU D 98 -15.44 -2.29 -25.39
CA LEU D 98 -14.26 -2.38 -24.54
C LEU D 98 -13.01 -1.90 -25.28
N GLU D 99 -12.84 -2.32 -26.53
CA GLU D 99 -11.68 -1.87 -27.29
C GLU D 99 -11.79 -0.40 -27.67
N LEU D 100 -13.01 0.14 -27.71
CA LEU D 100 -13.19 1.55 -28.02
C LEU D 100 -12.63 2.44 -26.91
N LEU D 101 -12.73 1.99 -25.66
CA LEU D 101 -12.26 2.79 -24.54
C LEU D 101 -10.74 2.92 -24.57
N SER D 102 -10.25 4.02 -24.01
CA SER D 102 -8.83 4.27 -23.94
C SER D 102 -8.18 3.42 -22.84
N ALA D 103 -6.86 3.39 -22.84
CA ALA D 103 -6.13 2.62 -21.84
C ALA D 103 -6.41 3.06 -20.41
N PRO D 104 -6.36 4.36 -20.05
CA PRO D 104 -6.61 4.71 -18.64
C PRO D 104 -8.07 4.57 -18.25
N GLU D 105 -8.98 4.83 -19.19
CA GLU D 105 -10.41 4.70 -18.90
C GLU D 105 -10.76 3.26 -18.56
N LEU D 106 -10.19 2.30 -19.29
CA LEU D 106 -10.44 0.90 -18.99
C LEU D 106 -9.90 0.51 -17.62
N LYS D 107 -8.77 1.09 -17.22
CA LYS D 107 -8.23 0.79 -15.89
C LYS D 107 -9.18 1.24 -14.79
N SER D 108 -9.79 2.41 -14.95
CA SER D 108 -10.74 2.90 -13.96
C SER D 108 -11.95 1.98 -13.86
N LEU D 109 -12.44 1.50 -15.00
CA LEU D 109 -13.58 0.58 -14.98
C LEU D 109 -13.22 -0.73 -14.29
N ALA D 110 -11.98 -1.20 -14.48
CA ALA D 110 -11.54 -2.43 -13.83
C ALA D 110 -11.55 -2.28 -12.32
N LYS D 111 -11.13 -1.11 -11.82
CA LYS D 111 -11.13 -0.88 -10.38
C LYS D 111 -12.54 -0.96 -9.81
N THR D 112 -13.52 -0.40 -10.52
CA THR D 112 -14.89 -0.39 -10.01
C THR D 112 -15.45 -1.80 -9.88
N PHE D 113 -15.16 -2.67 -10.85
CA PHE D 113 -15.71 -4.02 -10.87
C PHE D 113 -14.82 -5.02 -10.13
N HIS D 114 -13.74 -4.56 -9.50
CA HIS D 114 -12.84 -5.41 -8.71
C HIS D 114 -12.27 -6.54 -9.55
N LEU D 115 -11.48 -6.15 -10.57
CA LEU D 115 -10.84 -7.12 -11.44
C LEU D 115 -9.61 -7.70 -10.77
N VAL D 116 -9.14 -8.83 -11.32
CA VAL D 116 -8.02 -9.55 -10.72
C VAL D 116 -6.74 -8.72 -10.80
N ASN D 117 -6.44 -8.19 -11.99
CA ASN D 117 -5.23 -7.41 -12.23
C ASN D 117 -5.71 -6.10 -12.81
N PRO D 118 -6.04 -5.12 -11.95
CA PRO D 118 -6.52 -3.83 -12.45
C PRO D 118 -5.46 -3.03 -13.20
N ASN D 119 -4.18 -3.34 -13.02
CA ASN D 119 -3.10 -2.56 -13.62
C ASN D 119 -2.35 -3.35 -14.70
N GLY D 120 -3.07 -4.19 -15.44
CA GLY D 120 -2.49 -4.93 -16.55
C GLY D 120 -2.53 -4.13 -17.83
N GLN D 121 -2.15 -4.80 -18.92
CA GLN D 121 -2.22 -4.17 -20.23
C GLN D 121 -3.66 -4.18 -20.75
N LYS D 122 -3.88 -3.44 -21.84
CA LYS D 122 -5.22 -3.29 -22.37
C LYS D 122 -5.77 -4.63 -22.85
N GLN D 123 -4.95 -5.44 -23.51
CA GLN D 123 -5.42 -6.71 -24.04
C GLN D 123 -5.86 -7.66 -22.92
N GLN D 124 -5.06 -7.76 -21.86
CA GLN D 124 -5.42 -8.68 -20.78
C GLN D 124 -6.69 -8.25 -20.08
N LEU D 125 -6.93 -6.94 -19.97
CA LEU D 125 -8.14 -6.47 -19.32
C LEU D 125 -9.38 -6.79 -20.14
N VAL D 126 -9.28 -6.72 -21.47
CA VAL D 126 -10.45 -6.92 -22.32
C VAL D 126 -10.97 -8.35 -22.19
N ASP D 127 -10.07 -9.33 -22.26
CA ASP D 127 -10.51 -10.72 -22.13
C ASP D 127 -11.05 -11.00 -20.74
N ALA D 128 -10.43 -10.40 -19.71
CA ALA D 128 -10.95 -10.55 -18.36
C ALA D 128 -12.33 -9.96 -18.23
N PHE D 129 -12.55 -8.77 -18.82
CA PHE D 129 -13.88 -8.17 -18.80
C PHE D 129 -14.89 -9.04 -19.55
N LEU D 130 -14.50 -9.52 -20.73
CA LEU D 130 -15.39 -10.39 -21.50
C LEU D 130 -15.67 -11.68 -20.75
N LYS D 131 -14.66 -12.24 -20.08
CA LYS D 131 -14.88 -13.42 -19.26
C LYS D 131 -15.81 -13.12 -18.10
N LEU D 132 -15.69 -11.92 -17.51
CA LEU D 132 -16.51 -11.56 -16.37
C LEU D 132 -18.00 -11.55 -16.73
N ALA D 133 -18.34 -11.23 -17.97
CA ALA D 133 -19.73 -11.16 -18.38
C ALA D 133 -20.40 -12.54 -18.39
N LYS D 134 -19.62 -13.62 -18.32
CA LYS D 134 -20.17 -14.96 -18.30
C LYS D 134 -20.42 -15.50 -16.91
N GLN D 135 -19.96 -14.80 -15.87
CA GLN D 135 -20.18 -15.26 -14.51
C GLN D 135 -21.66 -15.12 -14.12
N ARG D 136 -22.06 -15.91 -13.14
CA ARG D 136 -23.42 -15.88 -12.65
C ARG D 136 -23.65 -14.64 -11.79
N SER D 137 -24.88 -14.43 -11.36
CA SER D 137 -25.25 -13.34 -10.48
C SER D 137 -25.93 -13.91 -9.25
N VAL D 138 -26.38 -13.00 -8.38
CA VAL D 138 -27.05 -13.38 -7.14
C VAL D 138 -28.44 -12.75 -7.14
N CYS D 139 -29.20 -12.93 -6.06
CA CYS D 139 -30.56 -12.40 -5.95
C CYS D 139 -30.62 -10.90 -6.20
N THR D 140 -29.46 -10.25 -6.34
CA THR D 140 -29.41 -8.83 -6.64
C THR D 140 -30.25 -8.49 -7.87
N TRP D 141 -30.27 -9.37 -8.86
CA TRP D 141 -31.09 -9.21 -10.05
C TRP D 141 -32.03 -10.39 -10.22
N GLY D 142 -32.30 -11.14 -9.14
CA GLY D 142 -32.99 -12.39 -9.26
C GLY D 142 -32.07 -13.40 -9.95
N LYS D 143 -32.69 -14.45 -10.50
CA LYS D 143 -31.95 -15.38 -11.33
C LYS D 143 -32.92 -16.02 -12.33
N ASN D 144 -32.96 -15.46 -13.53
CA ASN D 144 -33.61 -16.08 -14.69
C ASN D 144 -32.61 -16.36 -15.79
N LYS D 145 -31.71 -15.41 -16.05
CA LYS D 145 -30.55 -15.56 -16.92
C LYS D 145 -29.58 -14.46 -16.51
N PRO D 146 -28.31 -14.80 -16.19
CA PRO D 146 -27.39 -13.84 -15.57
C PRO D 146 -27.42 -12.45 -16.17
N GLY D 147 -27.10 -12.33 -17.46
CA GLY D 147 -27.15 -11.05 -18.14
C GLY D 147 -26.33 -9.97 -17.50
N ILE D 148 -25.28 -10.36 -16.76
CA ILE D 148 -24.45 -9.39 -16.07
C ILE D 148 -23.71 -8.51 -17.08
N GLY D 149 -23.42 -9.04 -18.27
CA GLY D 149 -22.78 -8.25 -19.29
C GLY D 149 -23.58 -7.03 -19.69
N ALA D 150 -24.91 -7.09 -19.56
CA ALA D 150 -25.74 -5.92 -19.81
C ALA D 150 -25.41 -4.80 -18.83
N VAL D 151 -25.13 -5.17 -17.57
CA VAL D 151 -24.74 -4.17 -16.57
C VAL D 151 -23.44 -3.49 -16.99
N ILE D 152 -22.49 -4.27 -17.50
CA ILE D 152 -21.24 -3.69 -17.97
C ILE D 152 -21.47 -2.79 -19.17
N LEU D 153 -22.41 -3.17 -20.05
CA LEU D 153 -22.62 -2.44 -21.29
C LEU D 153 -23.10 -1.02 -21.03
N LYS D 154 -24.07 -0.86 -20.13
CA LYS D 154 -24.59 0.48 -19.85
C LYS D 154 -23.52 1.36 -19.22
N ARG D 155 -22.74 0.81 -18.29
CA ARG D 155 -21.64 1.56 -17.71
C ARG D 155 -20.58 1.90 -18.75
N ALA D 156 -20.26 0.95 -19.62
CA ALA D 156 -19.22 1.19 -20.62
C ALA D 156 -19.68 2.20 -21.67
N LYS D 157 -20.95 2.13 -22.08
CA LYS D 157 -21.45 3.05 -23.09
C LYS D 157 -21.40 4.49 -22.60
N ALA D 158 -21.76 4.72 -21.33
CA ALA D 158 -21.67 6.06 -20.76
C ALA D 158 -20.23 6.54 -20.73
N LEU D 159 -19.30 5.66 -20.38
CA LEU D 159 -17.88 6.04 -20.37
C LEU D 159 -17.39 6.37 -21.78
N ALA D 160 -17.81 5.59 -22.77
CA ALA D 160 -17.34 5.80 -24.14
C ALA D 160 -17.86 7.11 -24.72
N GLY D 161 -19.15 7.38 -24.56
CA GLY D 161 -19.72 8.57 -25.14
C GLY D 161 -20.17 8.36 -26.58
N GLN D 162 -20.39 9.49 -27.27
CA GLN D 162 -20.87 9.44 -28.64
C GLN D 162 -19.79 8.87 -29.57
N SER D 163 -20.21 8.02 -30.49
CA SER D 163 -19.31 7.42 -31.46
C SER D 163 -20.08 6.99 -32.69
N VAL D 164 -19.38 6.92 -33.82
CA VAL D 164 -19.97 6.51 -35.09
C VAL D 164 -19.02 5.55 -35.78
N ARG D 165 -19.58 4.78 -36.71
CA ARG D 165 -18.81 3.85 -37.53
C ARG D 165 -19.40 3.81 -38.92
N ILE D 166 -18.54 3.67 -39.93
CA ILE D 166 -19.00 3.60 -41.30
C ILE D 166 -19.84 2.35 -41.49
N CYS D 167 -21.05 2.52 -42.01
CA CYS D 167 -21.93 1.39 -42.25
C CYS D 167 -21.33 0.47 -43.32
N LYS D 168 -21.33 -0.83 -43.03
CA LYS D 168 -20.72 -1.80 -43.92
C LYS D 168 -21.42 -1.85 -45.27
N GLY D 169 -22.74 -1.73 -45.29
CA GLY D 169 -23.51 -1.74 -46.51
C GLY D 169 -22.97 -0.76 -47.54
N PRO D 170 -23.02 0.53 -47.22
CA PRO D 170 -22.36 1.51 -48.09
C PRO D 170 -20.86 1.28 -48.24
N ARG D 171 -20.19 0.81 -47.18
CA ARG D 171 -18.75 0.60 -47.27
C ARG D 171 -18.43 -0.54 -48.24
N ALA D 172 -19.08 -1.68 -48.09
CA ALA D 172 -18.78 -2.83 -48.95
C ALA D 172 -19.12 -2.53 -50.41
N VAL D 173 -20.26 -1.87 -50.65
CA VAL D 173 -20.66 -1.57 -52.01
C VAL D 173 -19.74 -0.51 -52.63
N PHE D 174 -19.31 0.47 -51.83
CA PHE D 174 -18.47 1.52 -52.38
C PHE D 174 -17.02 1.06 -52.51
N SER D 175 -16.63 0.05 -51.73
CA SER D 175 -15.30 -0.53 -51.90
C SER D 175 -15.19 -1.35 -53.19
N ARG D 176 -16.29 -1.57 -53.89
CA ARG D 176 -16.31 -2.41 -55.08
C ARG D 176 -16.00 -1.64 -56.36
N ILE D 177 -15.69 -0.35 -56.29
CA ILE D 177 -15.42 0.41 -57.51
C ILE D 177 -13.94 0.76 -57.66
N LEU D 178 -13.26 1.14 -56.58
CA LEU D 178 -11.91 1.67 -56.73
C LEU D 178 -10.91 0.63 -57.23
N LEU D 179 -11.19 -0.66 -57.04
CA LEU D 179 -10.24 -1.66 -57.51
C LEU D 179 -10.27 -1.79 -59.03
N LEU D 180 -11.47 -1.81 -59.63
CA LEU D 180 -11.55 -1.94 -61.08
C LEU D 180 -10.96 -0.73 -61.80
N PHE D 181 -10.82 0.39 -61.10
CA PHE D 181 -10.06 1.52 -61.62
C PHE D 181 -8.57 1.21 -61.72
N SER D 182 -8.05 0.37 -60.82
CA SER D 182 -6.63 0.07 -60.76
C SER D 182 -6.17 -0.88 -61.86
N LEU D 183 -7.09 -1.55 -62.55
CA LEU D 183 -6.72 -2.40 -63.68
C LEU D 183 -6.41 -1.54 -64.91
#